data_8SSN
#
_entry.id   8SSN
#
_cell.length_a   92.478
_cell.length_b   103.213
_cell.length_c   107.963
_cell.angle_alpha   90.00
_cell.angle_beta   90.00
_cell.angle_gamma   90.00
#
_symmetry.space_group_name_H-M   'P 21 21 21'
#
loop_
_entity.id
_entity.type
_entity.pdbx_description
1 polymer 'Tyrosine-protein kinase ABL1'
2 non-polymer asciminib
3 non-polymer 6,7-dimethoxy-N-(4-phenoxyphenyl)quinazolin-4-amine
4 non-polymer 'CHLORIDE ION'
5 non-polymer 'SULFATE ION'
6 non-polymer 'DIMETHYL SULFOXIDE'
7 water water
#
_entity_poly.entity_id   1
_entity_poly.type   'polypeptide(L)'
_entity_poly.pdbx_seq_one_letter_code
;GNLFVALYDFVASGDNTLSITKGEKLRVLGYNHNGEWCEAQTKNGQGWVPSNYITPVNSLEKHSWYHGPVSRNAAEYLLS
SGINGSFLVRESESSPGQRSISLRYEGRVYHYRINTASDGKLYVSSESRFNTLAELVHHHSTVADGLITTLHYPAPKRNK
PTVYGVSPNYDKWEMERTDITMKHKLGGGQYGEVYEGVWKKYSLTVAVKTLKEDTMEVEEFLKEAAVMKEIKHPNLVQLL
GVCTREPPFYIITEFMTYGNLLDYLRECNRQEVNAVVLLYMATQISSAMEYLEKKNFIHRDLAARNCLVGENHLVKVADF
GLSRLMTGDTYTAHAGAKFPIKWTAPESLAYNKFSIKSDVWAFGVLLWEIATYGMSPYPGIDLSQVYELLEKDYRMERPE
GCPEKVYELMRACWQWNPSDRPSFAEIHQAFETMFQESSISDEVEKEL
;
_entity_poly.pdbx_strand_id   A,B
#
# COMPACT_ATOMS: atom_id res chain seq x y z
N GLY A 1 21.71 6.89 -51.68
CA GLY A 1 21.84 6.38 -53.03
C GLY A 1 20.76 5.40 -53.42
N ASN A 2 19.50 5.80 -53.22
CA ASN A 2 18.31 5.05 -53.60
C ASN A 2 18.14 3.79 -52.75
N LEU A 3 19.14 3.45 -51.95
CA LEU A 3 19.14 2.22 -51.16
C LEU A 3 18.92 2.56 -49.68
N PHE A 4 18.48 1.56 -48.92
CA PHE A 4 18.24 1.74 -47.50
C PHE A 4 18.98 0.66 -46.72
N VAL A 5 19.31 0.98 -45.48
CA VAL A 5 20.02 0.07 -44.58
C VAL A 5 19.21 -0.06 -43.30
N ALA A 6 19.06 -1.29 -42.83
CA ALA A 6 18.32 -1.56 -41.61
C ALA A 6 19.15 -1.17 -40.40
N LEU A 7 18.53 -0.43 -39.47
CA LEU A 7 19.20 0.00 -38.25
C LEU A 7 18.88 -0.88 -37.05
N TYR A 8 17.75 -1.58 -37.06
CA TYR A 8 17.36 -2.43 -35.94
C TYR A 8 16.85 -3.75 -36.49
N ASP A 9 16.97 -4.80 -35.68
CA ASP A 9 16.42 -6.09 -36.04
C ASP A 9 14.91 -6.08 -35.87
N PHE A 10 14.21 -6.69 -36.83
CA PHE A 10 12.76 -6.77 -36.79
C PHE A 10 12.34 -8.18 -37.20
N VAL A 11 11.63 -8.86 -36.30
CA VAL A 11 11.07 -10.18 -36.59
C VAL A 11 9.68 -9.98 -37.19
N ALA A 12 9.41 -10.63 -38.32
CA ALA A 12 8.19 -10.37 -39.05
C ALA A 12 6.95 -10.77 -38.24
N SER A 13 6.68 -12.07 -38.17
CA SER A 13 5.58 -12.63 -37.36
C SER A 13 4.27 -11.85 -37.56
N GLY A 14 4.10 -11.26 -38.73
CA GLY A 14 2.93 -10.42 -39.00
C GLY A 14 2.25 -10.76 -40.30
N ASP A 15 1.26 -9.95 -40.70
CA ASP A 15 0.45 -10.27 -41.87
C ASP A 15 1.30 -10.46 -43.12
N ASN A 16 2.04 -9.42 -43.52
CA ASN A 16 2.96 -9.50 -44.65
C ASN A 16 4.27 -8.82 -44.33
N THR A 17 4.58 -8.63 -43.05
CA THR A 17 5.79 -7.95 -42.64
C THR A 17 7.02 -8.76 -43.05
N LEU A 18 8.13 -8.05 -43.25
CA LEU A 18 9.37 -8.66 -43.68
C LEU A 18 10.41 -8.60 -42.56
N SER A 19 11.07 -9.72 -42.31
CA SER A 19 12.15 -9.74 -41.32
C SER A 19 13.39 -9.05 -41.87
N ILE A 20 14.00 -8.21 -41.05
CA ILE A 20 15.22 -7.49 -41.42
C ILE A 20 16.22 -7.61 -40.29
N THR A 21 17.48 -7.88 -40.66
CA THR A 21 18.58 -7.87 -39.71
C THR A 21 19.37 -6.58 -39.87
N LYS A 22 19.96 -6.12 -38.77
CA LYS A 22 20.67 -4.84 -38.75
C LYS A 22 21.80 -4.85 -39.77
N GLY A 23 21.78 -3.87 -40.67
CA GLY A 23 22.76 -3.78 -41.74
C GLY A 23 22.31 -4.35 -43.07
N GLU A 24 21.13 -4.95 -43.15
CA GLU A 24 20.65 -5.49 -44.41
C GLU A 24 20.34 -4.38 -45.40
N LYS A 25 20.44 -4.71 -46.68
CA LYS A 25 20.17 -3.76 -47.75
C LYS A 25 18.72 -3.90 -48.22
N LEU A 26 18.04 -2.77 -48.39
CA LEU A 26 16.63 -2.76 -48.73
C LEU A 26 16.37 -1.78 -49.88
N ARG A 27 15.38 -2.14 -50.69
CA ARG A 27 14.84 -1.25 -51.72
C ARG A 27 13.38 -0.98 -51.37
N VAL A 28 13.05 0.29 -51.14
CA VAL A 28 11.72 0.67 -50.69
C VAL A 28 10.81 0.84 -51.91
N LEU A 29 9.64 0.18 -51.86
CA LEU A 29 8.68 0.22 -52.95
C LEU A 29 7.51 1.15 -52.69
N GLY A 30 7.20 1.45 -51.43
CA GLY A 30 6.06 2.30 -51.12
C GLY A 30 5.88 2.45 -49.63
N TYR A 31 4.82 3.17 -49.27
CA TYR A 31 4.51 3.44 -47.87
C TYR A 31 3.03 3.21 -47.63
N ASN A 32 2.67 3.01 -46.37
CA ASN A 32 1.28 2.85 -45.97
C ASN A 32 0.67 4.22 -45.70
N HIS A 33 -0.56 4.24 -45.17
CA HIS A 33 -1.30 5.50 -45.03
C HIS A 33 -0.62 6.45 -44.07
N ASN A 34 -0.21 5.97 -42.90
CA ASN A 34 0.40 6.82 -41.89
C ASN A 34 1.90 7.00 -42.08
N GLY A 35 2.53 6.17 -42.91
CA GLY A 35 3.97 6.22 -43.09
C GLY A 35 4.76 5.46 -42.05
N GLU A 36 4.11 4.87 -41.05
CA GLU A 36 4.82 4.10 -40.04
C GLU A 36 5.37 2.78 -40.61
N TRP A 37 4.83 2.32 -41.73
CA TRP A 37 5.30 1.10 -42.38
C TRP A 37 5.58 1.40 -43.84
N CYS A 38 6.59 0.72 -44.38
CA CYS A 38 6.95 0.87 -45.79
C CYS A 38 7.27 -0.49 -46.37
N GLU A 39 6.85 -0.72 -47.60
CA GLU A 39 7.17 -1.98 -48.27
C GLU A 39 8.61 -1.98 -48.71
N ALA A 40 9.33 -3.06 -48.40
CA ALA A 40 10.74 -3.17 -48.71
C ALA A 40 11.02 -4.52 -49.35
N GLN A 41 12.01 -4.52 -50.24
CA GLN A 41 12.50 -5.71 -50.91
C GLN A 41 13.96 -5.93 -50.51
N THR A 42 14.28 -7.15 -50.12
CA THR A 42 15.63 -7.53 -49.72
C THR A 42 16.03 -8.80 -50.47
N LYS A 43 17.22 -9.32 -50.15
CA LYS A 43 17.69 -10.55 -50.77
C LYS A 43 16.83 -11.75 -50.39
N ASN A 44 16.03 -11.65 -49.34
CA ASN A 44 15.23 -12.77 -48.86
C ASN A 44 13.77 -12.72 -49.33
N GLY A 45 13.19 -11.54 -49.46
CA GLY A 45 11.81 -11.44 -49.89
C GLY A 45 11.33 -10.01 -49.90
N GLN A 46 10.02 -9.87 -50.07
CA GLN A 46 9.36 -8.56 -50.07
C GLN A 46 8.31 -8.53 -48.97
N GLY A 47 8.20 -7.40 -48.30
CA GLY A 47 7.20 -7.28 -47.25
C GLY A 47 7.29 -5.93 -46.57
N TRP A 48 6.32 -5.69 -45.69
CA TRP A 48 6.26 -4.43 -44.95
C TRP A 48 7.30 -4.43 -43.84
N VAL A 49 7.84 -3.25 -43.56
CA VAL A 49 8.88 -3.07 -42.54
C VAL A 49 8.63 -1.74 -41.84
N PRO A 50 8.83 -1.65 -40.54
CA PRO A 50 8.69 -0.36 -39.86
C PRO A 50 9.61 0.69 -40.47
N SER A 51 9.07 1.88 -40.68
CA SER A 51 9.81 2.93 -41.39
C SER A 51 10.96 3.46 -40.55
N ASN A 52 10.77 3.55 -39.24
CA ASN A 52 11.82 4.06 -38.36
C ASN A 52 12.91 3.03 -38.10
N TYR A 53 12.74 1.79 -38.53
CA TYR A 53 13.74 0.75 -38.34
C TYR A 53 14.82 0.76 -39.42
N ILE A 54 14.61 1.47 -40.52
CA ILE A 54 15.54 1.53 -41.64
C ILE A 54 15.79 2.99 -42.00
N THR A 55 16.93 3.26 -42.61
CA THR A 55 17.34 4.62 -42.94
C THR A 55 17.97 4.65 -44.32
N PRO A 56 17.90 5.79 -45.01
CA PRO A 56 18.55 5.89 -46.33
C PRO A 56 20.06 5.73 -46.22
N VAL A 57 20.65 5.24 -47.31
CA VAL A 57 22.09 5.01 -47.35
C VAL A 57 22.86 6.33 -47.24
N ASN A 58 22.38 7.36 -47.93
CA ASN A 58 23.04 8.67 -47.85
C ASN A 58 22.82 9.35 -46.50
N SER A 59 21.98 8.75 -45.67
CA SER A 59 21.60 9.33 -44.36
C SER A 59 22.72 9.35 -43.34
N LEU A 60 22.70 10.33 -42.44
CA LEU A 60 23.72 10.43 -41.38
C LEU A 60 23.30 9.51 -40.25
N GLU A 61 22.12 8.91 -40.39
CA GLU A 61 21.59 8.07 -39.31
C GLU A 61 22.21 6.69 -39.49
N LYS A 62 22.75 6.42 -40.68
CA LYS A 62 23.46 5.18 -40.90
C LYS A 62 24.62 4.99 -39.92
N HIS A 63 25.12 6.08 -39.34
CA HIS A 63 26.19 5.99 -38.36
C HIS A 63 25.64 5.67 -36.98
N SER A 64 26.44 4.95 -36.20
CA SER A 64 26.03 4.56 -34.86
C SER A 64 26.06 5.72 -33.88
N TRP A 65 26.97 6.67 -34.07
CA TRP A 65 27.10 7.79 -33.15
C TRP A 65 26.01 8.85 -33.32
N TYR A 66 25.24 8.79 -34.40
CA TYR A 66 24.13 9.71 -34.61
C TYR A 66 22.86 9.07 -34.05
N HIS A 67 22.31 9.68 -33.00
CA HIS A 67 21.11 9.18 -32.36
C HIS A 67 19.87 9.99 -32.73
N GLY A 68 19.97 10.89 -33.70
CA GLY A 68 18.85 11.70 -34.12
C GLY A 68 18.47 12.72 -33.07
N PRO A 69 17.19 13.13 -33.06
CA PRO A 69 16.74 14.07 -32.03
C PRO A 69 16.72 13.42 -30.66
N VAL A 70 17.59 13.89 -29.76
CA VAL A 70 17.74 13.32 -28.43
C VAL A 70 17.74 14.45 -27.42
N SER A 71 16.96 14.29 -26.34
CA SER A 71 16.99 15.25 -25.24
C SER A 71 18.37 15.25 -24.59
N ARG A 72 18.76 16.40 -24.05
CA ARG A 72 20.07 16.53 -23.45
C ARG A 72 20.26 15.54 -22.30
N ASN A 73 19.25 15.44 -21.43
CA ASN A 73 19.34 14.49 -20.32
C ASN A 73 19.11 13.05 -20.77
N ALA A 74 18.36 12.84 -21.85
CA ALA A 74 18.29 11.51 -22.43
C ALA A 74 19.66 11.07 -22.93
N ALA A 75 20.40 11.98 -23.57
CA ALA A 75 21.76 11.68 -23.97
C ALA A 75 22.65 11.45 -22.75
N GLU A 76 22.45 12.23 -21.68
CA GLU A 76 23.23 12.04 -20.47
C GLU A 76 22.99 10.65 -19.88
N TYR A 77 21.74 10.19 -19.87
CA TYR A 77 21.45 8.84 -19.44
C TYR A 77 22.09 7.82 -20.36
N LEU A 78 22.08 8.09 -21.67
CA LEU A 78 22.70 7.17 -22.63
C LEU A 78 24.19 7.00 -22.35
N LEU A 79 24.86 8.08 -21.98
CA LEU A 79 26.29 8.03 -21.65
C LEU A 79 26.56 7.65 -20.21
N SER A 80 25.52 7.45 -19.40
CA SER A 80 25.73 7.09 -17.99
C SER A 80 26.39 5.72 -17.86
N SER A 81 26.12 4.81 -18.79
CA SER A 81 26.68 3.46 -18.77
C SER A 81 27.89 3.32 -19.69
N GLY A 82 28.62 4.41 -19.92
CA GLY A 82 29.75 4.41 -20.81
C GLY A 82 31.08 4.58 -20.09
N ILE A 83 32.14 4.67 -20.90
CA ILE A 83 33.50 4.84 -20.44
C ILE A 83 34.10 6.06 -21.14
N ASN A 84 35.38 6.32 -20.85
CA ASN A 84 36.08 7.40 -21.52
C ASN A 84 36.06 7.19 -23.03
N GLY A 85 35.73 8.25 -23.77
CA GLY A 85 35.59 8.17 -25.21
C GLY A 85 34.19 7.86 -25.70
N SER A 86 33.29 7.43 -24.82
CA SER A 86 31.91 7.20 -25.22
C SER A 86 31.27 8.52 -25.64
N PHE A 87 30.60 8.50 -26.79
CA PHE A 87 30.08 9.73 -27.35
C PHE A 87 28.88 9.44 -28.24
N LEU A 88 28.08 10.48 -28.47
CA LEU A 88 26.95 10.43 -29.39
C LEU A 88 26.75 11.81 -29.99
N VAL A 89 26.08 11.83 -31.14
CA VAL A 89 25.75 13.07 -31.83
C VAL A 89 24.23 13.16 -31.95
N ARG A 90 23.66 14.26 -31.48
CA ARG A 90 22.22 14.39 -31.36
C ARG A 90 21.75 15.71 -31.99
N GLU A 91 20.48 15.72 -32.36
CA GLU A 91 19.81 16.92 -32.85
C GLU A 91 19.02 17.57 -31.71
N SER A 92 19.10 18.90 -31.64
CA SER A 92 18.40 19.62 -30.59
C SER A 92 16.89 19.51 -30.80
N GLU A 93 16.18 19.15 -29.72
CA GLU A 93 14.73 19.03 -29.79
C GLU A 93 14.04 20.39 -29.80
N SER A 94 14.54 21.33 -29.00
CA SER A 94 13.91 22.66 -28.92
C SER A 94 14.00 23.37 -30.26
N SER A 95 15.20 23.45 -30.83
CA SER A 95 15.41 24.03 -32.16
C SER A 95 16.08 23.00 -33.06
N PRO A 96 15.34 22.36 -33.96
CA PRO A 96 15.96 21.37 -34.85
C PRO A 96 17.00 22.02 -35.75
N GLY A 97 17.86 21.18 -36.32
CA GLY A 97 18.97 21.62 -37.12
C GLY A 97 20.22 21.93 -36.34
N GLN A 98 20.11 22.11 -35.02
CA GLN A 98 21.25 22.33 -34.15
C GLN A 98 21.77 20.98 -33.66
N ARG A 99 23.05 20.73 -33.88
CA ARG A 99 23.68 19.44 -33.58
C ARG A 99 24.60 19.58 -32.38
N SER A 100 24.60 18.57 -31.52
CA SER A 100 25.46 18.55 -30.34
C SER A 100 26.19 17.21 -30.26
N ILE A 101 27.37 17.26 -29.66
CA ILE A 101 28.17 16.08 -29.34
C ILE A 101 28.16 15.92 -27.83
N SER A 102 27.65 14.79 -27.35
CA SER A 102 27.70 14.43 -25.95
C SER A 102 28.82 13.42 -25.75
N LEU A 103 29.79 13.76 -24.92
CA LEU A 103 31.00 12.95 -24.75
C LEU A 103 31.21 12.66 -23.27
N ARG A 104 31.38 11.39 -22.94
CA ARG A 104 31.59 10.99 -21.56
C ARG A 104 33.08 10.90 -21.26
N TYR A 105 33.46 11.39 -20.08
CA TYR A 105 34.86 11.39 -19.66
C TYR A 105 34.94 11.38 -18.15
N GLU A 106 35.50 10.30 -17.59
CA GLU A 106 35.79 10.20 -16.15
C GLU A 106 34.57 10.50 -15.30
N GLY A 107 33.41 10.00 -15.72
CA GLY A 107 32.18 10.16 -14.99
C GLY A 107 31.39 11.41 -15.35
N ARG A 108 32.02 12.39 -15.99
CA ARG A 108 31.30 13.57 -16.45
C ARG A 108 30.76 13.33 -17.85
N VAL A 109 29.77 14.13 -18.23
CA VAL A 109 29.27 14.19 -19.59
C VAL A 109 29.36 15.63 -20.06
N TYR A 110 30.10 15.87 -21.12
CA TYR A 110 30.32 17.19 -21.67
C TYR A 110 29.55 17.35 -22.97
N HIS A 111 28.93 18.51 -23.15
CA HIS A 111 28.14 18.80 -24.33
C HIS A 111 28.81 19.89 -25.14
N TYR A 112 29.06 19.61 -26.42
CA TYR A 112 29.65 20.55 -27.34
C TYR A 112 28.67 20.82 -28.48
N ARG A 113 28.73 22.02 -29.05
CA ARG A 113 27.85 22.41 -30.14
C ARG A 113 28.60 22.34 -31.47
N ILE A 114 27.93 21.83 -32.49
CA ILE A 114 28.50 21.76 -33.84
C ILE A 114 27.97 22.99 -34.57
N ASN A 115 28.77 24.06 -34.55
CA ASN A 115 28.38 25.32 -35.16
C ASN A 115 28.80 25.35 -36.62
N THR A 116 27.98 25.99 -37.45
CA THR A 116 28.26 26.16 -38.86
C THR A 116 28.77 27.57 -39.12
N ALA A 117 29.81 27.68 -39.94
CA ALA A 117 30.40 28.96 -40.28
C ALA A 117 29.67 29.58 -41.46
N SER A 118 30.17 30.72 -41.94
CA SER A 118 29.59 31.35 -43.13
C SER A 118 29.78 30.48 -44.37
N ASP A 119 30.88 29.74 -44.44
CA ASP A 119 31.10 28.80 -45.54
C ASP A 119 30.15 27.60 -45.48
N GLY A 120 29.42 27.43 -44.38
CA GLY A 120 28.63 26.25 -44.17
C GLY A 120 29.39 25.07 -43.61
N LYS A 121 30.67 25.24 -43.29
CA LYS A 121 31.49 24.16 -42.77
C LYS A 121 31.28 24.05 -41.27
N LEU A 122 30.69 22.94 -40.83
CA LEU A 122 30.42 22.73 -39.42
C LEU A 122 31.72 22.57 -38.65
N TYR A 123 31.72 23.05 -37.40
CA TYR A 123 32.91 22.94 -36.57
C TYR A 123 32.51 22.94 -35.10
N VAL A 124 33.41 22.40 -34.28
CA VAL A 124 33.29 22.47 -32.82
C VAL A 124 34.18 23.57 -32.25
N SER A 125 35.45 23.58 -32.66
CA SER A 125 36.37 24.66 -32.37
C SER A 125 36.70 25.40 -33.66
N SER A 126 36.95 26.71 -33.53
CA SER A 126 37.06 27.57 -34.70
C SER A 126 38.24 27.20 -35.60
N GLU A 127 39.20 26.43 -35.10
CA GLU A 127 40.42 26.15 -35.85
C GLU A 127 40.28 24.97 -36.81
N SER A 128 39.19 24.22 -36.77
CA SER A 128 39.00 23.06 -37.65
C SER A 128 37.55 23.00 -38.08
N ARG A 129 37.29 23.25 -39.36
CA ARG A 129 35.97 23.19 -39.95
C ARG A 129 35.93 22.09 -41.02
N PHE A 130 34.75 21.51 -41.21
CA PHE A 130 34.58 20.41 -42.15
C PHE A 130 33.29 20.57 -42.93
N ASN A 131 33.32 20.11 -44.18
CA ASN A 131 32.16 20.19 -45.06
C ASN A 131 30.99 19.36 -44.54
N THR A 132 31.26 18.14 -44.08
CA THR A 132 30.23 17.23 -43.64
C THR A 132 30.44 16.87 -42.16
N LEU A 133 29.35 16.43 -41.52
CA LEU A 133 29.43 16.00 -40.13
C LEU A 133 30.25 14.73 -39.98
N ALA A 134 30.21 13.84 -40.97
CA ALA A 134 31.00 12.62 -40.90
C ALA A 134 32.49 12.93 -40.87
N GLU A 135 32.93 13.90 -41.66
CA GLU A 135 34.33 14.33 -41.64
C GLU A 135 34.72 14.83 -40.26
N LEU A 136 33.87 15.67 -39.66
CA LEU A 136 34.18 16.23 -38.34
C LEU A 136 34.26 15.13 -37.29
N VAL A 137 33.31 14.18 -37.32
CA VAL A 137 33.32 13.11 -36.34
C VAL A 137 34.52 12.19 -36.53
N HIS A 138 34.90 11.92 -37.79
CA HIS A 138 36.08 11.11 -38.03
C HIS A 138 37.35 11.81 -37.54
N HIS A 139 37.46 13.11 -37.79
CA HIS A 139 38.63 13.85 -37.32
C HIS A 139 38.70 13.87 -35.80
N HIS A 140 37.57 14.10 -35.14
CA HIS A 140 37.57 14.12 -33.68
C HIS A 140 37.63 12.73 -33.06
N SER A 141 37.41 11.68 -33.86
CA SER A 141 37.71 10.32 -33.47
C SER A 141 39.16 9.93 -33.75
N THR A 142 39.87 10.73 -34.53
CA THR A 142 41.30 10.54 -34.76
C THR A 142 42.13 11.23 -33.68
N VAL A 143 41.89 12.53 -33.45
CA VAL A 143 42.51 13.28 -32.37
C VAL A 143 41.43 14.04 -31.63
N ALA A 144 41.73 14.42 -30.38
CA ALA A 144 40.77 15.17 -29.58
C ALA A 144 40.48 16.54 -30.19
N ASP A 145 41.53 17.31 -30.46
CA ASP A 145 41.43 18.61 -31.12
C ASP A 145 40.44 19.53 -30.42
N GLY A 146 40.74 19.85 -29.15
CA GLY A 146 39.94 20.76 -28.37
C GLY A 146 38.88 20.10 -27.51
N LEU A 147 38.51 18.86 -27.81
CA LEU A 147 37.62 18.10 -26.95
C LEU A 147 38.41 17.51 -25.78
N ILE A 148 37.70 17.25 -24.69
CA ILE A 148 38.35 16.71 -23.50
C ILE A 148 38.95 15.33 -23.76
N THR A 149 38.42 14.61 -24.74
CA THR A 149 38.97 13.31 -25.12
C THR A 149 38.48 12.97 -26.51
N THR A 150 39.08 11.93 -27.08
CA THR A 150 38.72 11.49 -28.43
C THR A 150 37.34 10.84 -28.44
N LEU A 151 36.60 11.05 -29.53
CA LEU A 151 35.29 10.43 -29.72
C LEU A 151 35.51 9.01 -30.19
N HIS A 152 35.68 8.08 -29.24
CA HIS A 152 36.14 6.74 -29.55
C HIS A 152 35.03 5.70 -29.68
N TYR A 153 34.04 5.72 -28.79
CA TYR A 153 33.03 4.66 -28.74
C TYR A 153 31.64 5.23 -28.89
N PRO A 154 30.97 5.04 -30.03
CA PRO A 154 29.59 5.53 -30.17
C PRO A 154 28.67 4.87 -29.15
N ALA A 155 27.75 5.67 -28.62
CA ALA A 155 26.84 5.16 -27.60
C ALA A 155 25.78 4.26 -28.23
N PRO A 156 25.41 3.17 -27.56
CA PRO A 156 24.35 2.30 -28.09
C PRO A 156 22.98 2.96 -27.98
N LYS A 157 22.05 2.44 -28.77
CA LYS A 157 20.69 2.96 -28.76
C LYS A 157 19.97 2.54 -27.48
N ARG A 158 19.14 3.44 -26.95
CA ARG A 158 18.42 3.15 -25.72
C ARG A 158 17.30 2.13 -25.94
N ASN A 159 16.53 2.31 -27.01
CA ASN A 159 15.40 1.43 -27.30
C ASN A 159 15.19 1.41 -28.80
N LYS A 160 14.48 0.38 -29.26
CA LYS A 160 14.03 0.33 -30.64
C LYS A 160 12.96 1.41 -30.86
N PRO A 161 12.89 1.99 -32.07
CA PRO A 161 11.93 3.06 -32.32
C PRO A 161 10.50 2.57 -32.13
N THR A 162 9.66 3.47 -31.62
CA THR A 162 8.26 3.14 -31.35
C THR A 162 7.45 3.21 -32.63
N VAL A 163 6.68 2.17 -32.90
CA VAL A 163 5.81 2.10 -34.07
C VAL A 163 4.36 2.21 -33.59
N TYR A 164 3.51 2.73 -34.48
CA TYR A 164 2.09 2.93 -34.17
C TYR A 164 1.28 1.98 -35.05
N GLY A 165 0.67 0.98 -34.41
CA GLY A 165 -0.06 -0.04 -35.12
C GLY A 165 0.76 -1.30 -35.32
N VAL A 166 0.22 -2.44 -34.86
CA VAL A 166 0.91 -3.71 -35.00
C VAL A 166 0.95 -4.20 -36.44
N SER A 167 0.15 -3.61 -37.32
CA SER A 167 0.08 -3.98 -38.72
C SER A 167 0.09 -2.72 -39.57
N PRO A 168 0.54 -2.83 -40.83
CA PRO A 168 0.40 -1.68 -41.74
C PRO A 168 -1.04 -1.29 -41.98
N ASN A 169 -1.99 -2.21 -41.82
CA ASN A 169 -3.41 -1.91 -41.98
C ASN A 169 -4.26 -2.79 -41.07
N ASP A 179 -11.06 -12.34 -26.42
CA ASP A 179 -11.10 -12.34 -27.87
C ASP A 179 -9.93 -13.18 -28.42
N ILE A 180 -8.72 -12.85 -27.98
CA ILE A 180 -7.50 -13.60 -28.30
C ILE A 180 -6.77 -13.91 -26.99
N THR A 181 -5.59 -14.54 -27.11
CA THR A 181 -5.04 -15.36 -26.04
C THR A 181 -4.88 -14.60 -24.73
N MET A 182 -5.29 -15.24 -23.63
CA MET A 182 -5.28 -14.68 -22.29
C MET A 182 -4.24 -15.43 -21.44
N LYS A 183 -3.18 -14.74 -21.03
CA LYS A 183 -2.16 -15.29 -20.15
C LYS A 183 -2.43 -14.90 -18.69
N HIS A 184 -1.40 -15.00 -17.84
CA HIS A 184 -1.48 -14.70 -16.42
C HIS A 184 -1.76 -13.21 -16.18
N LYS A 185 -2.39 -12.90 -15.04
CA LYS A 185 -2.79 -11.52 -14.79
C LYS A 185 -1.66 -10.69 -14.18
N LEU A 186 -1.50 -10.72 -12.85
CA LEU A 186 -0.45 -9.96 -12.18
C LEU A 186 0.07 -10.66 -10.93
N GLY A 187 -0.80 -11.43 -10.28
CA GLY A 187 -0.45 -12.10 -9.05
C GLY A 187 -1.29 -11.71 -7.84
N GLY A 188 -1.69 -10.45 -7.77
CA GLY A 188 -2.50 -9.97 -6.67
C GLY A 188 -1.68 -9.63 -5.44
N GLY A 189 -2.29 -8.84 -4.56
CA GLY A 189 -1.63 -8.43 -3.32
C GLY A 189 -2.13 -7.10 -2.78
N GLU A 193 -7.79 -7.08 -12.97
CA GLU A 193 -8.23 -6.03 -13.88
C GLU A 193 -7.41 -6.02 -15.15
N VAL A 194 -6.09 -6.03 -15.01
CA VAL A 194 -5.17 -6.01 -16.15
C VAL A 194 -4.41 -7.34 -16.17
N TYR A 195 -4.50 -8.03 -17.31
CA TYR A 195 -3.89 -9.31 -17.55
C TYR A 195 -2.86 -9.17 -18.66
N GLU A 196 -1.84 -10.03 -18.64
CA GLU A 196 -0.97 -10.13 -19.79
C GLU A 196 -1.52 -11.18 -20.74
N GLY A 197 -1.26 -11.00 -22.04
CA GLY A 197 -1.86 -11.89 -23.00
C GLY A 197 -1.11 -11.88 -24.30
N VAL A 198 -1.56 -12.73 -25.21
CA VAL A 198 -0.93 -12.90 -26.52
C VAL A 198 -1.94 -12.61 -27.62
N TRP A 199 -1.50 -11.87 -28.62
CA TRP A 199 -2.21 -11.72 -29.88
C TRP A 199 -1.60 -12.69 -30.88
N LYS A 200 -2.42 -13.61 -31.38
CA LYS A 200 -1.94 -14.69 -32.22
C LYS A 200 -1.58 -14.18 -33.62
N LYS A 201 -2.44 -13.36 -34.20
CA LYS A 201 -2.25 -12.95 -35.60
C LYS A 201 -0.91 -12.24 -35.79
N TYR A 202 -0.46 -11.50 -34.78
CA TYR A 202 0.86 -10.89 -34.78
C TYR A 202 1.77 -11.51 -33.72
N SER A 203 1.25 -12.43 -32.92
CA SER A 203 2.03 -13.21 -31.97
C SER A 203 2.87 -12.31 -31.06
N LEU A 204 2.21 -11.35 -30.42
CA LEU A 204 2.92 -10.42 -29.56
C LEU A 204 2.24 -10.32 -28.19
N THR A 205 3.04 -9.96 -27.19
CA THR A 205 2.55 -9.85 -25.83
C THR A 205 1.94 -8.46 -25.61
N VAL A 206 0.72 -8.44 -25.10
CA VAL A 206 -0.04 -7.22 -24.87
C VAL A 206 -0.63 -7.25 -23.46
N ALA A 207 -1.21 -6.11 -23.06
CA ALA A 207 -1.89 -5.98 -21.79
C ALA A 207 -3.37 -5.73 -22.05
N VAL A 208 -4.22 -6.46 -21.33
CA VAL A 208 -5.67 -6.41 -21.52
C VAL A 208 -6.28 -5.93 -20.20
N LYS A 209 -7.05 -4.85 -20.28
CA LYS A 209 -7.73 -4.31 -19.11
C LYS A 209 -9.23 -4.56 -19.22
N THR A 210 -9.81 -5.12 -18.17
CA THR A 210 -11.25 -5.32 -18.05
C THR A 210 -11.85 -4.25 -17.16
N LEU A 211 -13.16 -4.02 -17.32
CA LEU A 211 -13.80 -2.92 -16.62
C LEU A 211 -15.30 -3.13 -16.57
N LYS A 212 -15.96 -2.42 -15.64
CA LYS A 212 -17.41 -2.56 -15.49
C LYS A 212 -18.18 -1.40 -16.08
N GLU A 213 -18.22 -0.27 -15.37
CA GLU A 213 -19.10 0.83 -15.77
C GLU A 213 -18.84 2.07 -14.92
N ASP A 214 -19.82 2.98 -14.86
CA ASP A 214 -19.76 4.32 -14.26
C ASP A 214 -19.05 5.30 -15.18
N THR A 215 -17.73 5.21 -15.27
CA THR A 215 -17.00 5.97 -16.29
C THR A 215 -17.11 5.27 -17.65
N MET A 216 -17.17 3.94 -17.65
CA MET A 216 -17.19 3.15 -18.89
C MET A 216 -18.65 2.98 -19.30
N GLU A 217 -19.13 3.93 -20.10
CA GLU A 217 -20.53 4.00 -20.47
C GLU A 217 -20.79 3.18 -21.73
N VAL A 218 -21.98 3.34 -22.30
CA VAL A 218 -22.36 2.54 -23.46
C VAL A 218 -21.73 3.09 -24.74
N GLU A 219 -21.99 4.35 -25.05
CA GLU A 219 -21.45 4.98 -26.25
C GLU A 219 -20.16 5.77 -25.99
N GLU A 220 -19.91 6.16 -24.74
CA GLU A 220 -18.67 6.86 -24.43
C GLU A 220 -17.46 5.94 -24.57
N PHE A 221 -17.61 4.68 -24.20
CA PHE A 221 -16.49 3.74 -24.27
C PHE A 221 -15.97 3.56 -25.69
N LEU A 222 -16.76 3.91 -26.71
CA LEU A 222 -16.35 3.81 -28.09
C LEU A 222 -15.94 5.16 -28.69
N LYS A 223 -16.68 6.23 -28.39
CA LYS A 223 -16.33 7.53 -28.94
C LYS A 223 -15.14 8.16 -28.22
N GLU A 224 -14.96 7.89 -26.93
CA GLU A 224 -13.77 8.38 -26.23
C GLU A 224 -12.53 7.64 -26.70
N ALA A 225 -12.63 6.33 -26.90
CA ALA A 225 -11.48 5.55 -27.35
C ALA A 225 -11.01 5.99 -28.73
N ALA A 226 -11.92 6.54 -29.55
CA ALA A 226 -11.51 7.07 -30.85
C ALA A 226 -10.54 8.23 -30.67
N VAL A 227 -10.80 9.11 -29.70
CA VAL A 227 -9.82 10.14 -29.36
C VAL A 227 -8.56 9.51 -28.78
N MET A 228 -8.73 8.47 -27.96
CA MET A 228 -7.58 7.79 -27.37
C MET A 228 -6.75 7.07 -28.42
N LYS A 229 -7.40 6.55 -29.47
CA LYS A 229 -6.66 5.90 -30.53
C LYS A 229 -5.70 6.85 -31.21
N GLU A 230 -6.03 8.14 -31.22
CA GLU A 230 -5.15 9.15 -31.79
C GLU A 230 -4.05 9.59 -30.83
N ILE A 231 -3.98 9.01 -29.64
CA ILE A 231 -2.90 9.29 -28.70
C ILE A 231 -1.66 8.54 -29.18
N LYS A 232 -0.68 9.27 -29.70
CA LYS A 232 0.55 8.69 -30.22
C LYS A 232 1.72 9.55 -29.76
N HIS A 233 2.41 9.09 -28.71
CA HIS A 233 3.57 9.76 -28.15
C HIS A 233 4.48 8.68 -27.60
N PRO A 234 5.80 8.82 -27.73
CA PRO A 234 6.70 7.76 -27.24
C PRO A 234 6.55 7.46 -25.76
N ASN A 235 6.23 8.46 -24.95
CA ASN A 235 6.08 8.28 -23.51
C ASN A 235 4.62 8.08 -23.10
N LEU A 236 3.73 7.85 -24.06
CA LEU A 236 2.35 7.53 -23.78
C LEU A 236 2.06 6.12 -24.26
N VAL A 237 1.36 5.33 -23.44
CA VAL A 237 1.01 3.98 -23.85
C VAL A 237 0.06 4.04 -25.05
N GLN A 238 0.15 3.03 -25.91
CA GLN A 238 -0.61 2.97 -27.14
C GLN A 238 -1.81 2.05 -26.98
N LEU A 239 -2.99 2.56 -27.29
CA LEU A 239 -4.22 1.77 -27.24
C LEU A 239 -4.29 0.92 -28.50
N LEU A 240 -3.94 -0.36 -28.38
CA LEU A 240 -3.91 -1.23 -29.55
C LEU A 240 -5.32 -1.57 -30.03
N GLY A 241 -6.25 -1.81 -29.11
CA GLY A 241 -7.57 -2.25 -29.53
C GLY A 241 -8.58 -2.17 -28.41
N VAL A 242 -9.84 -2.42 -28.79
CA VAL A 242 -10.97 -2.38 -27.87
C VAL A 242 -11.94 -3.50 -28.22
N CYS A 243 -12.56 -4.07 -27.19
CA CYS A 243 -13.60 -5.09 -27.35
C CYS A 243 -14.76 -4.74 -26.43
N THR A 244 -15.80 -4.12 -26.99
CA THR A 244 -16.97 -3.73 -26.22
C THR A 244 -18.15 -4.68 -26.42
N ARG A 245 -17.98 -5.72 -27.23
CA ARG A 245 -19.07 -6.64 -27.56
C ARG A 245 -19.42 -7.59 -26.42
N GLU A 246 -18.59 -7.66 -25.38
CA GLU A 246 -18.81 -8.55 -24.25
C GLU A 246 -19.00 -7.73 -22.99
N PRO A 247 -19.73 -8.26 -22.00
CA PRO A 247 -20.00 -7.49 -20.78
C PRO A 247 -18.71 -7.02 -20.10
N PRO A 248 -17.64 -7.85 -20.06
CA PRO A 248 -16.32 -7.29 -19.72
C PRO A 248 -15.68 -6.69 -20.95
N PHE A 249 -15.54 -5.37 -20.97
CA PHE A 249 -14.88 -4.71 -22.08
C PHE A 249 -13.37 -4.91 -21.98
N TYR A 250 -12.73 -5.06 -23.13
CA TYR A 250 -11.30 -5.33 -23.22
C TYR A 250 -10.57 -4.12 -23.78
N ILE A 251 -9.52 -3.70 -23.09
CA ILE A 251 -8.62 -2.64 -23.55
C ILE A 251 -7.28 -3.30 -23.85
N ILE A 252 -6.88 -3.29 -25.12
CA ILE A 252 -5.63 -3.91 -25.57
C ILE A 252 -4.60 -2.81 -25.73
N THR A 253 -3.51 -2.88 -24.97
CA THR A 253 -2.44 -1.91 -25.03
C THR A 253 -1.10 -2.64 -25.10
N GLU A 254 -0.04 -1.87 -25.35
CA GLU A 254 1.32 -2.39 -25.36
C GLU A 254 1.64 -3.02 -24.01
N PHE A 255 2.69 -3.83 -24.00
CA PHE A 255 3.17 -4.48 -22.78
C PHE A 255 4.52 -3.90 -22.38
N MET A 256 4.62 -3.49 -21.12
CA MET A 256 5.89 -3.05 -20.56
C MET A 256 6.35 -4.08 -19.55
N THR A 257 7.58 -4.56 -19.71
CA THR A 257 8.03 -5.75 -19.00
C THR A 257 8.20 -5.50 -17.51
N TYR A 258 8.59 -4.29 -17.11
CA TYR A 258 8.92 -4.01 -15.73
C TYR A 258 7.71 -3.56 -14.90
N GLY A 259 6.57 -3.30 -15.53
CA GLY A 259 5.35 -3.04 -14.79
C GLY A 259 5.27 -1.68 -14.11
N ASN A 260 4.75 -1.67 -12.88
CA ASN A 260 4.46 -0.44 -12.16
C ASN A 260 5.72 0.38 -11.92
N LEU A 261 5.60 1.70 -12.08
CA LEU A 261 6.72 2.59 -11.77
C LEU A 261 6.99 2.59 -10.27
N LEU A 262 5.94 2.62 -9.44
CA LEU A 262 6.13 2.62 -7.99
C LEU A 262 6.79 1.32 -7.54
N ASP A 263 6.33 0.19 -8.06
CA ASP A 263 6.93 -1.09 -7.71
C ASP A 263 8.37 -1.18 -8.20
N TYR A 264 8.64 -0.66 -9.40
CA TYR A 264 10.03 -0.59 -9.87
C TYR A 264 10.88 0.23 -8.91
N LEU A 265 10.43 1.45 -8.58
CA LEU A 265 11.23 2.37 -7.78
C LEU A 265 11.51 1.79 -6.40
N ARG A 266 10.52 1.14 -5.79
CA ARG A 266 10.73 0.62 -4.44
C ARG A 266 11.64 -0.60 -4.43
N GLU A 267 11.69 -1.36 -5.53
CA GLU A 267 12.51 -2.56 -5.61
C GLU A 267 13.77 -2.40 -6.46
N CYS A 268 13.99 -1.22 -7.04
CA CYS A 268 15.09 -1.04 -7.98
C CYS A 268 16.45 -1.04 -7.26
N ASN A 269 17.48 -1.36 -8.03
CA ASN A 269 18.86 -1.27 -7.56
C ASN A 269 19.36 0.15 -7.83
N ARG A 270 19.48 0.95 -6.77
CA ARG A 270 19.74 2.38 -6.92
C ARG A 270 21.11 2.69 -7.53
N GLN A 271 22.03 1.71 -7.53
CA GLN A 271 23.29 1.95 -8.24
C GLN A 271 23.07 1.96 -9.74
N GLU A 272 22.20 1.08 -10.25
CA GLU A 272 21.80 1.16 -11.64
C GLU A 272 20.84 2.33 -11.88
N VAL A 273 19.88 2.53 -10.98
CA VAL A 273 18.91 3.60 -11.09
C VAL A 273 19.42 4.76 -10.23
N ASN A 274 20.26 5.60 -10.82
CA ASN A 274 20.85 6.74 -10.13
C ASN A 274 20.09 8.02 -10.49
N ALA A 275 20.61 9.16 -10.03
CA ALA A 275 19.91 10.43 -10.20
C ALA A 275 19.68 10.75 -11.68
N VAL A 276 20.66 10.44 -12.54
CA VAL A 276 20.48 10.67 -13.97
C VAL A 276 19.32 9.85 -14.50
N VAL A 277 19.20 8.60 -14.05
CA VAL A 277 18.07 7.77 -14.45
C VAL A 277 16.76 8.40 -14.00
N LEU A 278 16.73 8.89 -12.76
CA LEU A 278 15.50 9.50 -12.24
C LEU A 278 15.09 10.72 -13.07
N LEU A 279 16.06 11.56 -13.44
CA LEU A 279 15.71 12.70 -14.27
C LEU A 279 15.29 12.26 -15.67
N TYR A 280 15.87 11.16 -16.18
CA TYR A 280 15.44 10.65 -17.48
C TYR A 280 13.96 10.26 -17.44
N MET A 281 13.56 9.53 -16.41
CA MET A 281 12.16 9.15 -16.25
C MET A 281 11.27 10.40 -16.06
N ALA A 282 11.74 11.37 -15.27
CA ALA A 282 10.95 12.57 -15.05
C ALA A 282 10.78 13.36 -16.34
N THR A 283 11.83 13.48 -17.15
CA THR A 283 11.74 14.16 -18.43
C THR A 283 10.78 13.43 -19.36
N GLN A 284 10.83 12.10 -19.37
CA GLN A 284 9.89 11.33 -20.17
C GLN A 284 8.45 11.61 -19.77
N ILE A 285 8.18 11.57 -18.46
CA ILE A 285 6.81 11.78 -17.97
C ILE A 285 6.36 13.21 -18.26
N SER A 286 7.27 14.18 -18.11
CA SER A 286 6.93 15.57 -18.38
C SER A 286 6.63 15.79 -19.86
N SER A 287 7.40 15.15 -20.75
CA SER A 287 7.11 15.25 -22.18
C SER A 287 5.78 14.62 -22.53
N ALA A 288 5.48 13.47 -21.90
CA ALA A 288 4.18 12.84 -22.12
C ALA A 288 3.05 13.76 -21.67
N MET A 289 3.21 14.38 -20.51
CA MET A 289 2.16 15.28 -20.01
C MET A 289 2.05 16.53 -20.88
N GLU A 290 3.18 17.01 -21.42
CA GLU A 290 3.12 18.14 -22.34
C GLU A 290 2.37 17.78 -23.60
N TYR A 291 2.61 16.59 -24.14
CA TYR A 291 1.86 16.13 -25.30
C TYR A 291 0.36 16.03 -24.98
N LEU A 292 0.02 15.48 -23.81
CA LEU A 292 -1.39 15.36 -23.46
C LEU A 292 -2.05 16.72 -23.27
N GLU A 293 -1.34 17.67 -22.65
CA GLU A 293 -1.91 18.98 -22.38
C GLU A 293 -2.08 19.79 -23.67
N LYS A 294 -1.08 19.74 -24.55
CA LYS A 294 -1.14 20.50 -25.79
C LYS A 294 -2.30 20.04 -26.67
N LYS A 295 -2.75 18.80 -26.53
CA LYS A 295 -3.91 18.29 -27.24
C LYS A 295 -5.21 18.56 -26.47
N ASN A 296 -5.11 19.15 -25.27
CA ASN A 296 -6.26 19.49 -24.42
C ASN A 296 -6.94 18.25 -23.85
N PHE A 297 -6.14 17.24 -23.52
CA PHE A 297 -6.59 16.05 -22.83
C PHE A 297 -6.10 16.10 -21.39
N ILE A 298 -6.99 15.64 -20.51
CA ILE A 298 -6.70 15.69 -19.06
C ILE A 298 -6.43 14.27 -18.60
N HIS A 299 -5.35 14.02 -17.86
CA HIS A 299 -5.14 12.62 -17.47
C HIS A 299 -6.13 12.25 -16.36
N ARG A 300 -6.11 12.98 -15.24
CA ARG A 300 -7.10 12.78 -14.14
C ARG A 300 -6.79 11.70 -13.09
N ASP A 301 -5.70 10.94 -13.24
CA ASP A 301 -5.38 9.79 -12.36
C ASP A 301 -3.86 9.70 -12.46
N LEU A 302 -3.19 10.84 -12.49
CA LEU A 302 -1.73 10.85 -12.66
C LEU A 302 -1.13 10.38 -11.36
N ALA A 303 -0.20 9.47 -11.47
CA ALA A 303 0.45 8.91 -10.27
C ALA A 303 1.50 7.93 -10.74
N ALA A 304 2.09 7.19 -9.82
CA ALA A 304 3.17 6.26 -10.16
C ALA A 304 2.62 4.92 -10.64
N ARG A 305 1.56 4.42 -10.01
CA ARG A 305 0.99 3.14 -10.41
C ARG A 305 0.47 3.17 -11.84
N ASN A 306 0.09 4.35 -12.31
CA ASN A 306 -0.54 4.40 -13.65
C ASN A 306 0.58 4.58 -14.69
N CYS A 307 1.81 4.80 -14.25
CA CYS A 307 2.96 4.78 -15.15
C CYS A 307 3.57 3.38 -15.20
N LEU A 308 4.24 3.10 -16.32
CA LEU A 308 4.87 1.82 -16.56
C LEU A 308 6.32 2.06 -16.98
N VAL A 309 7.16 1.05 -16.70
CA VAL A 309 8.59 1.11 -16.99
C VAL A 309 8.91 0.08 -18.07
N GLY A 310 9.71 0.50 -19.05
CA GLY A 310 10.15 -0.38 -20.11
C GLY A 310 11.64 -0.56 -20.15
N GLU A 311 12.16 -1.06 -21.27
CA GLU A 311 13.60 -1.35 -21.37
C GLU A 311 14.42 -0.07 -21.32
N ASN A 312 15.57 -0.15 -20.67
CA ASN A 312 16.47 1.00 -20.48
C ASN A 312 15.72 2.16 -19.83
N HIS A 313 14.89 1.84 -18.85
CA HIS A 313 14.13 2.83 -18.08
C HIS A 313 13.24 3.68 -18.98
N LEU A 314 12.64 3.05 -19.99
CA LEU A 314 11.64 3.70 -20.82
C LEU A 314 10.32 3.78 -20.07
N VAL A 315 9.86 4.99 -19.79
CA VAL A 315 8.66 5.21 -18.99
C VAL A 315 7.52 5.65 -19.91
N LYS A 316 6.36 5.05 -19.70
CA LYS A 316 5.15 5.42 -20.41
C LYS A 316 4.04 5.68 -19.41
N VAL A 317 3.03 6.43 -19.82
CA VAL A 317 1.93 6.83 -18.96
C VAL A 317 0.65 6.19 -19.48
N ALA A 318 -0.07 5.52 -18.59
CA ALA A 318 -1.32 4.85 -18.92
C ALA A 318 -2.44 5.37 -18.02
N ASP A 319 -3.61 4.76 -18.14
CA ASP A 319 -4.77 5.08 -17.32
C ASP A 319 -5.23 6.53 -17.52
N PHE A 320 -5.06 7.05 -18.73
CA PHE A 320 -5.52 8.39 -19.07
C PHE A 320 -6.94 8.32 -19.64
N GLY A 321 -7.82 9.19 -19.14
CA GLY A 321 -9.23 9.07 -19.41
C GLY A 321 -9.90 7.95 -18.66
N LEU A 322 -9.13 7.23 -17.83
CA LEU A 322 -9.63 6.08 -17.10
C LEU A 322 -10.51 6.53 -15.93
N SER A 323 -10.00 7.57 -15.22
CA SER A 323 -10.72 8.18 -14.07
C SER A 323 -11.12 7.26 -12.93
N ARG A 324 -11.80 6.16 -13.25
CA ARG A 324 -12.33 5.26 -12.22
C ARG A 324 -11.53 3.99 -12.52
N LEU A 325 -12.07 2.83 -12.16
CA LEU A 325 -11.50 1.52 -12.46
C LEU A 325 -10.32 1.23 -11.54
N MET A 326 -9.88 -0.04 -11.54
CA MET A 326 -8.90 -0.55 -10.59
C MET A 326 -9.39 -0.19 -9.19
N THR A 327 -8.78 0.83 -8.59
CA THR A 327 -9.22 1.36 -7.29
C THR A 327 -9.33 0.24 -6.25
N GLY A 328 -8.50 -0.78 -6.40
CA GLY A 328 -8.57 -1.95 -5.55
C GLY A 328 -9.80 -2.79 -5.77
N PRO A 340 -6.11 7.15 -3.29
CA PRO A 340 -6.24 8.04 -4.45
C PRO A 340 -6.71 9.44 -4.06
N ILE A 341 -6.25 9.92 -2.91
CA ILE A 341 -6.66 11.22 -2.38
C ILE A 341 -5.53 12.24 -2.46
N LYS A 342 -4.29 11.81 -2.23
CA LYS A 342 -3.16 12.73 -2.11
C LYS A 342 -2.73 13.29 -3.46
N TRP A 343 -2.97 12.60 -4.56
CA TRP A 343 -2.58 13.09 -5.87
C TRP A 343 -3.60 14.06 -6.48
N THR A 344 -4.73 14.28 -5.81
CA THR A 344 -5.76 15.16 -6.35
C THR A 344 -5.38 16.63 -6.13
N ALA A 345 -6.00 17.49 -6.93
CA ALA A 345 -5.91 18.92 -6.68
C ALA A 345 -6.87 19.30 -5.55
N PRO A 346 -6.53 20.31 -4.76
CA PRO A 346 -7.43 20.75 -3.68
C PRO A 346 -8.78 21.20 -4.20
N GLU A 347 -8.82 21.72 -5.43
CA GLU A 347 -10.03 22.17 -6.08
C GLU A 347 -10.73 21.07 -6.89
N SER A 348 -10.10 19.89 -7.02
CA SER A 348 -10.66 18.81 -7.83
C SER A 348 -11.58 17.91 -7.05
N LEU A 349 -11.32 17.68 -5.76
CA LEU A 349 -12.23 16.89 -4.94
C LEU A 349 -13.21 17.75 -4.17
N ALA A 350 -12.88 19.02 -3.92
CA ALA A 350 -13.79 19.92 -3.24
C ALA A 350 -14.93 20.37 -4.14
N TYR A 351 -14.64 20.61 -5.42
CA TYR A 351 -15.64 21.15 -6.35
C TYR A 351 -15.72 20.39 -7.67
N ASN A 352 -15.09 19.22 -7.77
CA ASN A 352 -15.09 18.41 -8.98
C ASN A 352 -14.55 19.19 -10.18
N LYS A 353 -13.27 19.56 -10.12
CA LYS A 353 -12.67 20.30 -11.23
C LYS A 353 -12.07 19.35 -12.25
N PHE A 354 -12.06 19.79 -13.51
CA PHE A 354 -11.46 19.05 -14.61
C PHE A 354 -10.48 19.97 -15.34
N SER A 355 -9.17 19.78 -15.12
CA SER A 355 -8.21 20.69 -15.73
C SER A 355 -6.83 20.05 -15.80
N ILE A 356 -5.97 20.66 -16.63
CA ILE A 356 -4.57 20.28 -16.69
C ILE A 356 -3.88 20.63 -15.37
N LYS A 357 -4.28 21.74 -14.75
CA LYS A 357 -3.62 22.19 -13.52
C LYS A 357 -3.76 21.16 -12.40
N SER A 358 -4.89 20.46 -12.34
CA SER A 358 -5.00 19.32 -11.43
C SER A 358 -3.98 18.25 -11.77
N ASP A 359 -3.77 18.00 -13.06
CA ASP A 359 -2.71 17.09 -13.47
C ASP A 359 -1.33 17.65 -13.14
N VAL A 360 -1.17 18.97 -13.11
CA VAL A 360 0.10 19.54 -12.69
C VAL A 360 0.35 19.28 -11.21
N TRP A 361 -0.70 19.40 -10.38
CA TRP A 361 -0.57 19.05 -8.97
C TRP A 361 -0.22 17.58 -8.80
N ALA A 362 -0.92 16.70 -9.54
CA ALA A 362 -0.62 15.28 -9.48
C ALA A 362 0.81 15.01 -9.95
N PHE A 363 1.28 15.75 -10.94
CA PHE A 363 2.66 15.63 -11.42
C PHE A 363 3.66 16.05 -10.35
N GLY A 364 3.34 17.11 -9.60
CA GLY A 364 4.20 17.50 -8.50
C GLY A 364 4.30 16.43 -7.43
N VAL A 365 3.16 15.82 -7.09
CA VAL A 365 3.18 14.71 -6.14
C VAL A 365 4.00 13.54 -6.71
N LEU A 366 3.84 13.28 -8.01
CA LEU A 366 4.58 12.22 -8.67
C LEU A 366 6.09 12.46 -8.59
N LEU A 367 6.49 13.71 -8.79
CA LEU A 367 7.91 14.04 -8.75
C LEU A 367 8.45 13.99 -7.33
N TRP A 368 7.62 14.31 -6.33
CA TRP A 368 8.00 14.03 -4.95
C TRP A 368 8.26 12.54 -4.75
N GLU A 369 7.35 11.71 -5.29
CA GLU A 369 7.53 10.26 -5.16
C GLU A 369 8.81 9.79 -5.82
N ILE A 370 9.11 10.31 -7.02
CA ILE A 370 10.33 9.94 -7.71
C ILE A 370 11.56 10.36 -6.92
N ALA A 371 11.54 11.59 -6.38
CA ALA A 371 12.66 12.07 -5.57
C ALA A 371 12.83 11.24 -4.30
N THR A 372 11.75 10.68 -3.77
CA THR A 372 11.78 9.88 -2.56
C THR A 372 11.91 8.39 -2.83
N TYR A 373 12.09 7.98 -4.08
CA TYR A 373 12.21 6.57 -4.48
C TYR A 373 10.96 5.76 -4.10
N GLY A 374 9.79 6.39 -4.19
CA GLY A 374 8.55 5.67 -4.02
C GLY A 374 7.92 5.70 -2.64
N MET A 375 8.27 6.67 -1.80
CA MET A 375 7.64 6.76 -0.48
C MET A 375 6.18 7.16 -0.59
N SER A 376 5.41 6.76 0.42
CA SER A 376 4.00 7.11 0.48
C SER A 376 3.85 8.63 0.63
N PRO A 377 3.06 9.29 -0.19
CA PRO A 377 2.95 10.74 -0.12
C PRO A 377 2.29 11.20 1.19
N TYR A 378 2.63 12.42 1.60
CA TYR A 378 2.13 13.05 2.81
C TYR A 378 2.31 12.13 4.01
N PRO A 379 3.55 11.84 4.42
CA PRO A 379 3.80 10.90 5.53
C PRO A 379 3.79 11.57 6.90
N ILE A 381 1.26 12.53 8.52
CA ILE A 381 0.25 13.51 8.16
C ILE A 381 -1.12 12.84 8.09
N ASP A 382 -2.06 13.33 8.89
CA ASP A 382 -3.41 12.76 8.90
C ASP A 382 -4.10 13.01 7.57
N LEU A 383 -4.69 11.95 7.01
CA LEU A 383 -5.47 12.13 5.79
C LEU A 383 -6.76 12.87 6.07
N SER A 384 -7.44 12.53 7.17
CA SER A 384 -8.74 13.11 7.48
C SER A 384 -8.70 14.63 7.63
N GLN A 385 -7.52 15.23 7.72
CA GLN A 385 -7.39 16.67 7.81
C GLN A 385 -6.44 17.26 6.76
N VAL A 386 -6.00 16.44 5.79
CA VAL A 386 -4.95 16.89 4.88
C VAL A 386 -5.38 18.15 4.13
N TYR A 387 -6.63 18.18 3.67
CA TYR A 387 -7.11 19.34 2.89
C TYR A 387 -6.72 20.61 3.65
N GLU A 388 -7.09 20.66 4.92
CA GLU A 388 -6.83 21.86 5.72
C GLU A 388 -5.33 22.06 5.78
N LEU A 389 -4.61 20.97 6.00
CA LEU A 389 -3.15 21.13 6.17
C LEU A 389 -2.61 21.89 4.96
N LEU A 390 -3.39 21.96 3.88
CA LEU A 390 -2.90 22.60 2.65
C LEU A 390 -3.43 24.03 2.56
N GLU A 391 -4.60 24.29 3.16
CA GLU A 391 -5.09 25.66 3.14
C GLU A 391 -4.03 26.63 3.65
N LYS A 392 -3.20 26.19 4.58
CA LYS A 392 -2.03 26.95 5.03
C LYS A 392 -0.79 26.15 4.67
N ASP A 393 0.03 26.71 3.77
CA ASP A 393 1.21 26.04 3.24
C ASP A 393 0.87 24.61 2.80
N ARG A 395 2.11 21.40 2.45
CA ARG A 395 2.97 20.88 1.38
C ARG A 395 4.17 20.13 1.94
N MET A 396 4.58 19.09 1.22
CA MET A 396 5.69 18.25 1.65
C MET A 396 7.01 19.02 1.62
N GLU A 397 7.93 18.61 2.48
CA GLU A 397 9.23 19.28 2.61
C GLU A 397 10.24 18.68 1.63
N ARG A 398 11.51 19.09 1.75
CA ARG A 398 12.58 18.52 0.94
C ARG A 398 12.71 17.03 1.19
N PRO A 399 12.67 16.19 0.16
CA PRO A 399 13.29 14.88 0.27
C PRO A 399 14.80 15.05 0.39
N GLU A 400 15.44 14.11 1.10
CA GLU A 400 16.88 14.16 1.23
C GLU A 400 17.54 14.03 -0.13
N GLY A 401 18.33 15.04 -0.51
CA GLY A 401 19.04 15.03 -1.76
C GLY A 401 18.29 15.60 -2.94
N CYS A 402 17.02 15.94 -2.78
CA CYS A 402 16.27 16.56 -3.87
C CYS A 402 16.81 17.97 -4.10
N PRO A 403 17.30 18.28 -5.30
CA PRO A 403 17.82 19.64 -5.54
C PRO A 403 16.73 20.67 -5.33
N GLU A 404 17.14 21.84 -4.80
CA GLU A 404 16.17 22.87 -4.48
C GLU A 404 15.40 23.32 -5.71
N LYS A 405 15.99 23.19 -6.90
CA LYS A 405 15.26 23.50 -8.13
C LYS A 405 14.09 22.55 -8.34
N VAL A 406 14.29 21.25 -8.04
CA VAL A 406 13.22 20.27 -8.24
C VAL A 406 12.08 20.53 -7.25
N TYR A 407 12.42 20.72 -5.97
CA TYR A 407 11.41 21.12 -5.00
C TYR A 407 10.72 22.41 -5.43
N GLU A 408 11.45 23.37 -5.97
CA GLU A 408 10.80 24.59 -6.44
C GLU A 408 9.78 24.27 -7.53
N LEU A 409 10.11 23.36 -8.44
CA LEU A 409 9.19 23.01 -9.49
C LEU A 409 7.92 22.38 -8.94
N MET A 410 8.07 21.39 -8.04
CA MET A 410 6.87 20.77 -7.45
C MET A 410 6.11 21.75 -6.57
N ARG A 411 6.83 22.72 -6.01
CA ARG A 411 6.18 23.78 -5.24
C ARG A 411 5.27 24.60 -6.13
N ALA A 412 5.76 24.97 -7.31
CA ALA A 412 4.92 25.67 -8.29
C ALA A 412 3.78 24.78 -8.77
N CYS A 413 4.02 23.48 -8.88
CA CYS A 413 2.97 22.55 -9.29
C CYS A 413 1.84 22.47 -8.27
N TRP A 414 2.11 22.80 -7.02
CA TRP A 414 1.09 22.84 -5.97
C TRP A 414 0.81 24.31 -5.67
N GLN A 415 -0.20 24.87 -6.32
CA GLN A 415 -0.66 26.23 -6.06
C GLN A 415 -2.16 26.17 -5.74
N TRP A 416 -2.55 26.89 -4.69
CA TRP A 416 -3.96 26.93 -4.33
C TRP A 416 -4.81 27.45 -5.48
N ASN A 417 -4.34 28.52 -6.13
CA ASN A 417 -4.95 28.98 -7.37
C ASN A 417 -4.33 28.21 -8.53
N PRO A 418 -5.13 27.45 -9.30
CA PRO A 418 -4.55 26.63 -10.38
C PRO A 418 -3.84 27.44 -11.45
N SER A 419 -4.20 28.70 -11.65
CA SER A 419 -3.56 29.51 -12.70
C SER A 419 -2.08 29.71 -12.43
N ASP A 420 -1.64 29.62 -11.19
CA ASP A 420 -0.24 29.86 -10.82
C ASP A 420 0.63 28.61 -10.98
N ARG A 421 0.15 27.59 -11.67
CA ARG A 421 1.00 26.40 -11.83
C ARG A 421 1.57 26.35 -13.25
N PRO A 422 2.85 25.98 -13.38
CA PRO A 422 3.47 25.97 -14.71
C PRO A 422 2.83 24.92 -15.61
N SER A 423 2.80 25.24 -16.90
CA SER A 423 2.34 24.29 -17.89
C SER A 423 3.34 23.14 -18.03
N PHE A 424 2.83 21.99 -18.47
CA PHE A 424 3.70 20.83 -18.65
C PHE A 424 4.80 21.10 -19.67
N ALA A 425 4.52 21.91 -20.68
CA ALA A 425 5.57 22.36 -21.58
C ALA A 425 6.60 23.20 -20.83
N GLU A 426 6.14 24.11 -19.97
CA GLU A 426 7.03 24.90 -19.14
C GLU A 426 7.82 24.00 -18.19
N ILE A 427 7.18 22.97 -17.65
CA ILE A 427 7.87 22.04 -16.76
C ILE A 427 8.97 21.30 -17.50
N HIS A 428 8.68 20.82 -18.71
CA HIS A 428 9.70 20.13 -19.51
C HIS A 428 10.85 21.06 -19.87
N GLN A 429 10.52 22.29 -20.27
CA GLN A 429 11.56 23.26 -20.62
C GLN A 429 12.44 23.57 -19.43
N ALA A 430 11.85 23.69 -18.24
CA ALA A 430 12.64 23.84 -17.03
C ALA A 430 13.54 22.62 -16.83
N PHE A 431 12.96 21.43 -16.88
CA PHE A 431 13.69 20.21 -16.59
C PHE A 431 14.91 20.07 -17.47
N GLU A 432 14.78 20.38 -18.77
CA GLU A 432 15.91 20.24 -19.68
C GLU A 432 17.02 21.24 -19.35
N THR A 433 16.66 22.45 -18.93
CA THR A 433 17.63 23.52 -18.71
C THR A 433 18.00 23.72 -17.25
N MET A 434 17.56 22.83 -16.35
CA MET A 434 17.85 23.02 -14.93
C MET A 434 19.34 22.87 -14.62
N PHE A 435 20.03 21.94 -15.28
CA PHE A 435 21.42 21.63 -14.97
C PHE A 435 22.33 21.90 -16.15
N GLN A 436 22.11 23.02 -16.85
CA GLN A 436 22.92 23.33 -18.02
C GLN A 436 24.38 23.50 -17.65
N GLU A 437 24.67 24.09 -16.49
CA GLU A 437 26.02 24.30 -16.02
C GLU A 437 26.34 23.47 -14.77
N SER A 438 25.75 22.29 -14.67
CA SER A 438 25.96 21.42 -13.52
C SER A 438 25.49 20.02 -13.89
N SER A 439 25.52 19.10 -12.91
CA SER A 439 25.00 17.75 -13.07
C SER A 439 24.09 17.45 -11.90
N ILE A 440 23.00 16.72 -12.16
CA ILE A 440 22.09 16.36 -11.07
C ILE A 440 22.79 15.47 -10.06
N SER A 441 23.71 14.62 -10.51
CA SER A 441 24.51 13.84 -9.57
C SER A 441 25.39 14.75 -8.73
N ASP A 442 25.95 15.80 -9.34
CA ASP A 442 26.75 16.75 -8.58
C ASP A 442 25.89 17.56 -7.62
N GLU A 443 24.68 17.92 -8.02
CA GLU A 443 23.82 18.79 -7.24
C GLU A 443 22.91 18.02 -6.28
N VAL A 444 23.26 16.78 -5.93
CA VAL A 444 22.49 16.05 -4.93
C VAL A 444 22.62 16.72 -3.57
N GLU A 445 23.79 17.29 -3.28
CA GLU A 445 24.04 17.93 -2.00
C GLU A 445 24.75 19.27 -2.19
N GLY B 1 -33.60 -25.00 42.39
CA GLY B 1 -32.27 -24.93 42.98
C GLY B 1 -31.18 -25.36 42.01
N ASN B 2 -31.45 -26.40 41.24
CA ASN B 2 -30.50 -26.91 40.26
C ASN B 2 -30.80 -26.46 38.84
N LEU B 3 -31.73 -25.53 38.67
CA LEU B 3 -32.09 -25.03 37.35
C LEU B 3 -31.02 -24.09 36.82
N PHE B 4 -31.02 -23.91 35.50
CA PHE B 4 -30.09 -23.00 34.83
C PHE B 4 -30.88 -22.02 33.98
N VAL B 5 -30.27 -20.87 33.70
CA VAL B 5 -30.85 -19.83 32.86
C VAL B 5 -29.86 -19.47 31.77
N ALA B 6 -30.35 -19.30 30.55
CA ALA B 6 -29.51 -18.95 29.42
C ALA B 6 -29.26 -17.45 29.40
N LEU B 7 -27.98 -17.06 29.29
CA LEU B 7 -27.61 -15.66 29.29
C LEU B 7 -27.48 -15.07 27.90
N TYR B 8 -27.28 -15.90 26.88
CA TYR B 8 -27.11 -15.43 25.52
C TYR B 8 -27.92 -16.32 24.58
N ASP B 9 -28.37 -15.73 23.47
CA ASP B 9 -29.10 -16.49 22.46
C ASP B 9 -28.15 -17.39 21.69
N PHE B 10 -28.55 -18.64 21.50
CA PHE B 10 -27.78 -19.59 20.72
C PHE B 10 -28.69 -20.27 19.71
N VAL B 11 -28.27 -20.29 18.45
CA VAL B 11 -29.05 -20.89 17.37
C VAL B 11 -28.43 -22.26 17.08
N ALA B 12 -29.20 -23.32 17.33
CA ALA B 12 -28.69 -24.67 17.16
C ALA B 12 -28.55 -24.99 15.68
N SER B 13 -27.32 -25.24 15.25
CA SER B 13 -27.05 -25.65 13.88
C SER B 13 -26.12 -26.85 13.80
N GLY B 14 -25.66 -27.38 14.93
CA GLY B 14 -24.78 -28.53 14.93
C GLY B 14 -25.55 -29.83 14.80
N ASP B 15 -24.84 -30.93 15.07
CA ASP B 15 -25.44 -32.26 14.94
C ASP B 15 -26.56 -32.44 15.95
N ASN B 16 -26.24 -32.33 17.25
CA ASN B 16 -27.22 -32.53 18.31
C ASN B 16 -27.32 -31.31 19.23
N THR B 17 -26.97 -30.13 18.74
CA THR B 17 -27.03 -28.93 19.56
C THR B 17 -28.48 -28.49 19.77
N LEU B 18 -28.71 -27.77 20.87
CA LEU B 18 -30.02 -27.26 21.23
C LEU B 18 -30.02 -25.75 21.20
N SER B 19 -31.10 -25.16 20.69
CA SER B 19 -31.24 -23.71 20.67
C SER B 19 -31.81 -23.23 22.00
N ILE B 20 -31.36 -22.05 22.42
CA ILE B 20 -31.79 -21.46 23.69
C ILE B 20 -31.98 -19.96 23.51
N THR B 21 -32.93 -19.42 24.25
CA THR B 21 -33.25 -17.99 24.22
C THR B 21 -32.95 -17.39 25.59
N LYS B 22 -32.62 -16.10 25.60
CA LYS B 22 -32.27 -15.40 26.83
C LYS B 22 -33.39 -15.53 27.85
N GLY B 23 -33.07 -16.10 29.01
CA GLY B 23 -34.03 -16.29 30.07
C GLY B 23 -34.63 -17.67 30.15
N GLU B 24 -34.39 -18.52 29.16
CA GLU B 24 -34.96 -19.87 29.18
C GLU B 24 -34.36 -20.70 30.30
N LYS B 25 -35.16 -21.62 30.82
CA LYS B 25 -34.79 -22.49 31.92
C LYS B 25 -34.32 -23.84 31.39
N LEU B 26 -33.20 -24.33 31.92
CA LEU B 26 -32.56 -25.54 31.45
C LEU B 26 -32.25 -26.45 32.63
N ARG B 27 -32.19 -27.75 32.33
CA ARG B 27 -31.73 -28.76 33.28
C ARG B 27 -30.53 -29.47 32.65
N VAL B 28 -29.37 -29.34 33.29
CA VAL B 28 -28.14 -29.88 32.74
C VAL B 28 -28.05 -31.36 33.02
N LEU B 29 -27.86 -32.15 31.96
CA LEU B 29 -27.69 -33.60 32.08
C LEU B 29 -26.22 -33.99 32.21
N GLY B 30 -25.32 -33.26 31.58
CA GLY B 30 -23.91 -33.60 31.65
C GLY B 30 -23.09 -32.62 30.85
N TYR B 31 -21.80 -32.92 30.73
CA TYR B 31 -20.84 -32.08 30.04
C TYR B 31 -20.00 -32.94 29.10
N ASN B 32 -19.42 -32.28 28.09
CA ASN B 32 -18.58 -32.97 27.13
C ASN B 32 -17.20 -33.21 27.73
N HIS B 33 -16.26 -33.70 26.91
CA HIS B 33 -14.98 -34.18 27.44
C HIS B 33 -14.18 -33.05 28.09
N ASN B 34 -14.24 -31.85 27.51
CA ASN B 34 -13.44 -30.74 28.00
C ASN B 34 -14.22 -29.75 28.86
N GLY B 35 -15.55 -29.71 28.71
CA GLY B 35 -16.40 -28.85 29.53
C GLY B 35 -16.98 -27.66 28.80
N GLU B 36 -16.53 -27.36 27.59
CA GLU B 36 -17.07 -26.20 26.87
C GLU B 36 -18.53 -26.41 26.50
N TRP B 37 -18.91 -27.63 26.15
CA TRP B 37 -20.27 -27.97 25.80
C TRP B 37 -20.92 -28.77 26.92
N CYS B 38 -22.23 -28.59 27.08
CA CYS B 38 -22.99 -29.32 28.08
C CYS B 38 -24.35 -29.70 27.52
N GLU B 39 -24.77 -30.93 27.78
CA GLU B 39 -26.09 -31.37 27.38
C GLU B 39 -27.12 -30.80 28.34
N ALA B 40 -28.19 -30.24 27.79
CA ALA B 40 -29.24 -29.62 28.60
C ALA B 40 -30.59 -29.97 28.01
N GLN B 41 -31.59 -29.97 28.90
CA GLN B 41 -32.98 -30.22 28.53
C GLN B 41 -33.80 -28.98 28.83
N THR B 42 -34.57 -28.52 27.85
CA THR B 42 -35.46 -27.39 27.97
C THR B 42 -36.86 -27.83 27.54
N LYS B 43 -37.83 -26.94 27.74
CA LYS B 43 -39.23 -27.25 27.46
C LYS B 43 -39.47 -27.64 26.01
N ASN B 44 -38.51 -27.40 25.12
CA ASN B 44 -38.66 -27.72 23.71
C ASN B 44 -37.79 -28.87 23.24
N GLY B 45 -37.04 -29.52 24.12
CA GLY B 45 -36.26 -30.67 23.72
C GLY B 45 -35.01 -30.83 24.56
N GLN B 46 -34.02 -31.50 23.98
CA GLN B 46 -32.73 -31.71 24.63
C GLN B 46 -31.61 -31.62 23.59
N GLY B 47 -30.46 -31.12 24.03
CA GLY B 47 -29.33 -31.01 23.15
C GLY B 47 -28.17 -30.29 23.81
N TRP B 48 -27.10 -30.12 23.03
CA TRP B 48 -25.86 -29.56 23.54
C TRP B 48 -25.84 -28.05 23.38
N VAL B 49 -25.43 -27.35 24.43
CA VAL B 49 -25.31 -25.89 24.40
C VAL B 49 -23.94 -25.51 24.96
N PRO B 50 -23.38 -24.35 24.58
CA PRO B 50 -22.13 -23.90 25.20
C PRO B 50 -22.31 -23.71 26.71
N SER B 51 -21.28 -24.10 27.47
CA SER B 51 -21.37 -24.03 28.92
C SER B 51 -21.30 -22.59 29.42
N ASN B 52 -20.67 -21.70 28.67
CA ASN B 52 -20.59 -20.30 29.04
C ASN B 52 -21.81 -19.50 28.62
N TYR B 53 -22.76 -20.12 27.93
CA TYR B 53 -24.00 -19.46 27.53
C TYR B 53 -25.10 -19.58 28.56
N ILE B 54 -24.90 -20.37 29.61
CA ILE B 54 -25.90 -20.57 30.66
C ILE B 54 -25.22 -20.44 32.02
N THR B 55 -26.03 -20.17 33.03
CA THR B 55 -25.52 -20.04 34.39
C THR B 55 -26.58 -20.57 35.36
N PRO B 56 -26.18 -21.06 36.52
CA PRO B 56 -27.17 -21.54 37.50
C PRO B 56 -28.06 -20.41 38.00
N VAL B 57 -29.28 -20.77 38.41
CA VAL B 57 -30.18 -19.77 38.99
C VAL B 57 -29.64 -19.27 40.32
N ASN B 58 -28.96 -20.14 41.08
CA ASN B 58 -28.34 -19.71 42.33
C ASN B 58 -27.10 -18.86 42.09
N SER B 59 -26.55 -18.86 40.89
CA SER B 59 -25.39 -18.04 40.57
C SER B 59 -25.75 -16.57 40.66
N LEU B 60 -24.73 -15.75 40.50
CA LEU B 60 -24.91 -14.28 40.61
C LEU B 60 -24.78 -13.70 39.22
N GLU B 61 -24.10 -14.42 38.34
CA GLU B 61 -24.01 -13.97 36.95
C GLU B 61 -25.37 -13.90 36.26
N LYS B 62 -26.43 -14.37 36.92
CA LYS B 62 -27.79 -14.21 36.39
C LYS B 62 -28.17 -12.75 36.23
N HIS B 63 -27.48 -11.85 36.94
CA HIS B 63 -27.79 -10.43 36.89
C HIS B 63 -27.09 -9.78 35.70
N SER B 64 -27.77 -8.82 35.07
CA SER B 64 -27.21 -8.11 33.94
C SER B 64 -26.02 -7.26 34.35
N TRP B 65 -26.03 -6.71 35.57
CA TRP B 65 -24.97 -5.81 35.99
C TRP B 65 -23.67 -6.55 36.33
N TYR B 66 -23.70 -7.87 36.48
CA TYR B 66 -22.47 -8.65 36.63
C TYR B 66 -21.95 -9.02 35.26
N HIS B 67 -20.69 -8.66 34.98
CA HIS B 67 -20.05 -9.01 33.73
C HIS B 67 -18.91 -10.00 33.92
N GLY B 68 -18.77 -10.57 35.11
CA GLY B 68 -17.71 -11.51 35.39
C GLY B 68 -16.36 -10.83 35.46
N PRO B 69 -15.28 -11.60 35.25
CA PRO B 69 -13.94 -11.00 35.26
C PRO B 69 -13.72 -10.12 34.03
N VAL B 70 -13.59 -8.82 34.25
CA VAL B 70 -13.48 -7.84 33.16
C VAL B 70 -12.30 -6.93 33.44
N SER B 71 -11.49 -6.69 32.41
CA SER B 71 -10.39 -5.76 32.54
C SER B 71 -10.90 -4.34 32.76
N ARG B 72 -10.10 -3.53 33.46
CA ARG B 72 -10.53 -2.19 33.82
C ARG B 72 -10.74 -1.31 32.58
N ASN B 73 -9.78 -1.32 31.67
CA ASN B 73 -9.93 -0.52 30.45
C ASN B 73 -11.02 -1.08 29.55
N ALA B 74 -11.20 -2.39 29.54
CA ALA B 74 -12.31 -2.99 28.79
C ALA B 74 -13.65 -2.53 29.36
N ALA B 75 -13.78 -2.50 30.69
CA ALA B 75 -15.01 -2.02 31.30
C ALA B 75 -15.22 -0.53 31.03
N GLU B 76 -14.13 0.25 31.00
CA GLU B 76 -14.24 1.66 30.63
C GLU B 76 -14.77 1.81 29.20
N TYR B 77 -14.29 0.97 28.28
CA TYR B 77 -14.85 0.95 26.94
C TYR B 77 -16.33 0.58 26.97
N LEU B 78 -16.67 -0.42 27.77
CA LEU B 78 -18.06 -0.86 27.88
C LEU B 78 -18.98 0.26 28.36
N LEU B 79 -18.50 1.08 29.28
CA LEU B 79 -19.28 2.18 29.82
C LEU B 79 -19.15 3.46 29.02
N SER B 80 -18.23 3.51 28.05
CA SER B 80 -18.11 4.71 27.21
C SER B 80 -19.39 4.95 26.42
N SER B 81 -20.01 3.88 25.91
CA SER B 81 -21.27 3.99 25.17
C SER B 81 -22.46 3.89 26.14
N GLY B 82 -22.51 4.84 27.07
CA GLY B 82 -23.53 4.83 28.10
C GLY B 82 -23.87 6.23 28.56
N ILE B 83 -24.76 6.30 29.55
CA ILE B 83 -25.24 7.55 30.11
C ILE B 83 -25.01 7.57 31.61
N ASN B 84 -25.43 8.64 32.27
CA ASN B 84 -25.33 8.71 33.72
C ASN B 84 -26.14 7.58 34.37
N GLY B 85 -25.53 6.93 35.35
CA GLY B 85 -26.13 5.79 36.00
C GLY B 85 -25.80 4.46 35.34
N SER B 86 -25.19 4.48 34.16
CA SER B 86 -24.72 3.23 33.56
C SER B 86 -23.64 2.62 34.43
N PHE B 87 -23.77 1.33 34.73
CA PHE B 87 -22.87 0.69 35.66
C PHE B 87 -22.75 -0.79 35.36
N LEU B 88 -21.67 -1.38 35.87
CA LEU B 88 -21.45 -2.81 35.80
C LEU B 88 -20.67 -3.24 37.04
N VAL B 89 -20.77 -4.52 37.37
CA VAL B 89 -20.02 -5.13 38.45
C VAL B 89 -19.07 -6.15 37.85
N ARG B 90 -17.80 -6.05 38.19
CA ARG B 90 -16.77 -6.88 37.60
C ARG B 90 -15.92 -7.53 38.69
N GLU B 91 -15.32 -8.66 38.33
CA GLU B 91 -14.38 -9.37 39.18
C GLU B 91 -12.97 -9.09 38.70
N SER B 92 -12.04 -8.89 39.63
CA SER B 92 -10.67 -8.57 39.27
C SER B 92 -10.05 -9.72 38.50
N GLU B 93 -9.40 -9.40 37.38
CA GLU B 93 -8.82 -10.43 36.53
C GLU B 93 -7.55 -11.02 37.14
N SER B 94 -6.70 -10.18 37.71
CA SER B 94 -5.45 -10.67 38.29
C SER B 94 -5.69 -11.39 39.60
N SER B 95 -6.37 -10.74 40.54
CA SER B 95 -6.64 -11.35 41.84
C SER B 95 -8.10 -11.78 41.90
N PRO B 96 -8.41 -13.07 41.81
CA PRO B 96 -9.82 -13.49 41.86
C PRO B 96 -10.45 -13.15 43.20
N GLY B 97 -11.75 -12.89 43.15
CA GLY B 97 -12.52 -12.57 44.33
C GLY B 97 -12.60 -11.11 44.67
N GLN B 98 -11.71 -10.29 44.11
CA GLN B 98 -11.73 -8.86 44.33
C GLN B 98 -12.71 -8.24 43.33
N ARG B 99 -13.73 -7.56 43.85
CA ARG B 99 -14.83 -7.09 43.04
C ARG B 99 -14.87 -5.57 43.00
N SER B 100 -15.33 -5.03 41.87
CA SER B 100 -15.43 -3.60 41.69
C SER B 100 -16.70 -3.27 40.93
N ILE B 101 -17.12 -2.01 41.06
CA ILE B 101 -18.26 -1.47 40.33
C ILE B 101 -17.77 -0.30 39.48
N SER B 102 -18.03 -0.36 38.18
CA SER B 102 -17.75 0.74 37.28
C SER B 102 -19.04 1.49 37.01
N LEU B 103 -19.02 2.81 37.24
CA LEU B 103 -20.21 3.65 37.14
C LEU B 103 -19.92 4.84 36.23
N ARG B 104 -20.80 5.07 35.26
CA ARG B 104 -20.61 6.13 34.29
C ARG B 104 -21.35 7.39 34.75
N TYR B 105 -20.66 8.53 34.70
CA TYR B 105 -21.28 9.80 35.10
C TYR B 105 -20.57 10.92 34.36
N GLU B 106 -21.29 11.63 33.48
CA GLU B 106 -20.77 12.82 32.81
C GLU B 106 -19.46 12.52 32.07
N GLY B 107 -19.48 11.44 31.29
CA GLY B 107 -18.30 11.12 30.47
C GLY B 107 -17.14 10.67 31.31
N ARG B 108 -17.41 10.24 32.53
CA ARG B 108 -16.32 9.68 33.36
C ARG B 108 -16.74 8.33 33.90
N VAL B 109 -15.78 7.43 34.05
CA VAL B 109 -16.05 6.08 34.64
C VAL B 109 -15.37 6.03 35.99
N TYR B 110 -16.16 5.86 37.03
CA TYR B 110 -15.66 5.75 38.39
C TYR B 110 -15.59 4.29 38.79
N HIS B 111 -14.45 3.88 39.35
CA HIS B 111 -14.23 2.51 39.80
C HIS B 111 -14.27 2.48 41.32
N TYR B 112 -15.32 1.90 41.88
CA TYR B 112 -15.45 1.72 43.32
C TYR B 112 -15.10 0.27 43.67
N ARG B 113 -14.46 0.09 44.81
CA ARG B 113 -14.00 -1.23 45.24
C ARG B 113 -14.99 -1.82 46.24
N ILE B 114 -15.23 -3.12 46.14
CA ILE B 114 -16.09 -3.83 47.09
C ILE B 114 -15.19 -4.48 48.12
N ASN B 115 -15.34 -4.08 49.37
CA ASN B 115 -14.45 -4.54 50.44
C ASN B 115 -15.27 -5.33 51.45
N THR B 116 -14.75 -6.50 51.84
CA THR B 116 -15.42 -7.39 52.77
C THR B 116 -15.01 -7.04 54.19
N ALA B 117 -16.00 -6.82 55.06
CA ALA B 117 -15.73 -6.45 56.44
C ALA B 117 -15.37 -7.68 57.24
N SER B 118 -15.07 -7.48 58.53
CA SER B 118 -14.77 -8.60 59.42
C SER B 118 -15.99 -9.52 59.57
N ASP B 119 -17.18 -8.94 59.62
CA ASP B 119 -18.41 -9.72 59.70
C ASP B 119 -18.65 -10.55 58.45
N GLY B 120 -17.94 -10.27 57.36
CA GLY B 120 -18.19 -10.90 56.09
C GLY B 120 -19.15 -10.14 55.20
N LYS B 121 -19.80 -9.11 55.71
CA LYS B 121 -20.69 -8.30 54.89
C LYS B 121 -19.87 -7.39 53.98
N LEU B 122 -20.23 -7.39 52.70
CA LEU B 122 -19.51 -6.57 51.73
C LEU B 122 -20.05 -5.14 51.73
N TYR B 123 -19.19 -4.20 51.35
CA TYR B 123 -19.59 -2.80 51.29
C TYR B 123 -18.63 -2.02 50.41
N VAL B 124 -19.08 -0.85 49.98
CA VAL B 124 -18.25 0.10 49.24
C VAL B 124 -17.85 1.29 50.11
N SER B 125 -18.80 1.82 50.88
CA SER B 125 -18.53 2.84 51.87
C SER B 125 -18.74 2.25 53.26
N SER B 126 -17.87 2.62 54.20
CA SER B 126 -17.89 2.01 55.52
C SER B 126 -19.21 2.26 56.26
N GLU B 127 -19.96 3.27 55.83
CA GLU B 127 -21.23 3.58 56.51
C GLU B 127 -22.24 2.46 56.38
N SER B 128 -22.37 1.88 55.19
CA SER B 128 -23.43 0.92 54.90
C SER B 128 -22.82 -0.38 54.37
N ARG B 129 -23.24 -1.51 54.94
CA ARG B 129 -22.73 -2.83 54.56
C ARG B 129 -23.89 -3.80 54.42
N PHE B 130 -23.68 -4.84 53.62
CA PHE B 130 -24.74 -5.78 53.28
C PHE B 130 -24.19 -7.20 53.19
N ASN B 131 -25.07 -8.17 53.41
CA ASN B 131 -24.66 -9.57 53.44
C ASN B 131 -24.26 -10.07 52.06
N THR B 132 -25.07 -9.78 51.04
CA THR B 132 -24.84 -10.29 49.70
C THR B 132 -24.63 -9.14 48.73
N LEU B 133 -24.01 -9.46 47.58
CA LEU B 133 -23.75 -8.45 46.56
C LEU B 133 -25.05 -7.90 45.99
N ALA B 134 -26.06 -8.77 45.83
CA ALA B 134 -27.34 -8.32 45.30
C ALA B 134 -27.97 -7.27 46.21
N GLU B 135 -27.86 -7.46 47.53
CA GLU B 135 -28.37 -6.47 48.47
C GLU B 135 -27.67 -5.14 48.30
N LEU B 136 -26.34 -5.17 48.16
CA LEU B 136 -25.58 -3.93 47.98
C LEU B 136 -25.98 -3.22 46.69
N VAL B 137 -26.14 -3.98 45.61
CA VAL B 137 -26.50 -3.38 44.33
C VAL B 137 -27.89 -2.77 44.41
N HIS B 138 -28.86 -3.51 44.95
CA HIS B 138 -30.22 -2.98 45.03
C HIS B 138 -30.30 -1.76 45.92
N HIS B 139 -29.51 -1.74 47.01
CA HIS B 139 -29.46 -0.54 47.84
C HIS B 139 -28.87 0.63 47.07
N HIS B 140 -27.78 0.39 46.35
CA HIS B 140 -27.18 1.46 45.55
C HIS B 140 -27.84 1.65 44.20
N SER B 141 -28.79 0.79 43.84
CA SER B 141 -29.66 1.02 42.69
C SER B 141 -30.87 1.87 43.04
N THR B 142 -31.06 2.19 44.31
CA THR B 142 -32.15 3.06 44.75
C THR B 142 -31.68 4.35 45.39
N VAL B 143 -30.48 4.38 45.99
CA VAL B 143 -29.87 5.59 46.51
C VAL B 143 -28.39 5.60 46.13
N ALA B 144 -27.84 6.80 45.98
CA ALA B 144 -26.41 6.96 45.72
C ALA B 144 -25.68 7.09 47.05
N ASP B 145 -25.66 5.99 47.77
CA ASP B 145 -25.12 5.95 49.14
C ASP B 145 -23.60 5.97 49.07
N GLY B 146 -23.04 7.18 49.00
CA GLY B 146 -21.61 7.36 48.93
C GLY B 146 -21.03 7.32 47.53
N LEU B 147 -21.83 6.97 46.53
CA LEU B 147 -21.38 6.92 45.15
C LEU B 147 -21.72 8.24 44.44
N ILE B 148 -21.12 8.43 43.28
CA ILE B 148 -21.34 9.66 42.53
C ILE B 148 -22.78 9.73 42.02
N THR B 149 -23.41 8.58 41.77
CA THR B 149 -24.79 8.53 41.31
C THR B 149 -25.32 7.13 41.53
N THR B 150 -26.62 6.98 41.29
CA THR B 150 -27.29 5.71 41.51
C THR B 150 -26.98 4.71 40.41
N LEU B 151 -26.93 3.44 40.77
CA LEU B 151 -26.72 2.34 39.81
C LEU B 151 -28.05 2.08 39.12
N HIS B 152 -28.26 2.76 37.99
CA HIS B 152 -29.56 2.76 37.33
C HIS B 152 -29.64 1.81 36.13
N TYR B 153 -28.67 1.85 35.24
CA TYR B 153 -28.74 1.10 33.99
C TYR B 153 -27.56 0.15 33.84
N PRO B 154 -27.76 -1.15 34.00
CA PRO B 154 -26.65 -2.09 33.80
C PRO B 154 -26.12 -2.03 32.37
N ALA B 155 -24.80 -2.13 32.23
CA ALA B 155 -24.19 -2.03 30.92
C ALA B 155 -24.47 -3.30 30.12
N PRO B 156 -24.75 -3.17 28.83
CA PRO B 156 -24.98 -4.36 27.99
C PRO B 156 -23.69 -5.12 27.75
N LYS B 157 -23.83 -6.42 27.49
CA LYS B 157 -22.66 -7.25 27.19
C LYS B 157 -22.06 -6.87 25.85
N ARG B 158 -20.73 -6.80 25.80
CA ARG B 158 -20.04 -6.43 24.57
C ARG B 158 -20.04 -7.56 23.56
N ASN B 159 -19.82 -8.80 24.00
CA ASN B 159 -19.67 -9.92 23.08
C ASN B 159 -20.14 -11.19 23.76
N LYS B 160 -20.56 -12.14 22.93
CA LYS B 160 -20.89 -13.46 23.44
C LYS B 160 -19.62 -14.18 23.87
N PRO B 161 -19.72 -15.09 24.84
CA PRO B 161 -18.52 -15.80 25.31
C PRO B 161 -17.86 -16.61 24.19
N THR B 162 -16.53 -16.67 24.23
CA THR B 162 -15.79 -17.45 23.27
C THR B 162 -16.00 -18.94 23.51
N VAL B 163 -16.25 -19.68 22.43
CA VAL B 163 -16.47 -21.12 22.49
C VAL B 163 -15.36 -21.81 21.72
N TYR B 164 -14.71 -22.78 22.36
CA TYR B 164 -13.62 -23.54 21.73
C TYR B 164 -14.17 -24.89 21.29
N GLY B 165 -14.10 -25.15 19.99
CA GLY B 165 -14.66 -26.36 19.43
C GLY B 165 -15.97 -26.11 18.70
N VAL B 166 -16.01 -26.42 17.41
CA VAL B 166 -17.22 -26.20 16.62
C VAL B 166 -18.33 -27.13 17.09
N SER B 167 -17.98 -28.36 17.46
CA SER B 167 -18.93 -29.38 17.87
C SER B 167 -18.60 -29.89 19.27
N PRO B 168 -19.59 -30.38 20.00
CA PRO B 168 -19.29 -30.96 21.33
C PRO B 168 -18.35 -32.14 21.27
N ASN B 169 -18.29 -32.85 20.15
CA ASN B 169 -17.37 -33.97 20.00
C ASN B 169 -15.96 -33.48 19.69
N ARG B 177 -12.50 -32.30 3.94
CA ARG B 177 -11.89 -31.00 3.68
C ARG B 177 -12.69 -30.22 2.64
N THR B 178 -13.88 -30.72 2.31
CA THR B 178 -14.76 -30.07 1.34
C THR B 178 -16.11 -29.71 1.94
N ASP B 179 -16.21 -29.69 3.27
CA ASP B 179 -17.46 -29.31 3.94
C ASP B 179 -17.75 -27.82 3.85
N ILE B 180 -16.80 -27.03 3.37
CA ILE B 180 -16.96 -25.58 3.32
C ILE B 180 -17.24 -25.14 1.89
N MET B 182 -16.91 -22.29 0.29
CA MET B 182 -16.01 -21.45 -0.49
C MET B 182 -16.78 -20.28 -1.11
N LYS B 183 -16.57 -19.08 -0.57
CA LYS B 183 -17.24 -17.88 -1.04
C LYS B 183 -16.27 -16.72 -1.07
N HIS B 184 -16.64 -15.67 -1.80
CA HIS B 184 -15.87 -14.43 -1.89
C HIS B 184 -14.44 -14.70 -2.34
N GLU B 196 -13.73 -16.28 2.44
CA GLU B 196 -15.05 -16.56 3.01
C GLU B 196 -15.45 -18.00 2.77
N GLY B 197 -16.24 -18.55 3.68
CA GLY B 197 -16.73 -19.90 3.54
C GLY B 197 -17.80 -20.21 4.56
N VAL B 198 -18.65 -21.18 4.23
CA VAL B 198 -19.73 -21.61 5.09
C VAL B 198 -19.58 -23.11 5.34
N TRP B 199 -19.56 -23.50 6.61
CA TRP B 199 -19.47 -24.90 6.99
C TRP B 199 -20.87 -25.51 6.93
N LYS B 200 -21.14 -26.34 5.92
CA LYS B 200 -22.51 -26.80 5.68
C LYS B 200 -23.04 -27.66 6.81
N LYS B 201 -22.19 -28.42 7.49
CA LYS B 201 -22.66 -29.25 8.60
C LYS B 201 -23.23 -28.38 9.72
N TYR B 202 -22.58 -27.26 10.00
CA TYR B 202 -23.00 -26.37 11.08
C TYR B 202 -23.52 -25.03 10.60
N SER B 203 -23.61 -24.81 9.28
CA SER B 203 -24.13 -23.56 8.71
C SER B 203 -23.43 -22.34 9.32
N LEU B 204 -22.12 -22.43 9.49
CA LEU B 204 -21.33 -21.43 10.18
C LEU B 204 -20.44 -20.72 9.18
N THR B 205 -20.56 -19.39 9.13
CA THR B 205 -19.66 -18.60 8.30
C THR B 205 -18.27 -18.60 8.92
N VAL B 206 -17.24 -18.84 8.09
CA VAL B 206 -15.91 -19.12 8.60
C VAL B 206 -14.91 -18.79 7.51
N ALA B 207 -13.73 -18.32 7.92
CA ALA B 207 -12.65 -17.98 6.99
C ALA B 207 -11.78 -19.21 6.70
N VAL B 208 -11.38 -19.35 5.45
CA VAL B 208 -10.57 -20.47 4.99
C VAL B 208 -9.32 -19.92 4.32
N LYS B 209 -8.17 -20.50 4.65
CA LYS B 209 -6.90 -20.09 4.04
C LYS B 209 -6.30 -21.22 3.23
N GLU B 219 3.13 -34.58 9.18
CA GLU B 219 4.52 -34.18 9.36
C GLU B 219 4.63 -32.94 10.24
N GLU B 220 5.55 -32.04 9.87
CA GLU B 220 5.75 -30.83 10.66
C GLU B 220 4.51 -29.95 10.64
N PHE B 221 3.82 -29.89 9.50
CA PHE B 221 2.58 -29.12 9.43
C PHE B 221 1.54 -29.67 10.39
N LEU B 222 1.41 -30.99 10.46
CA LEU B 222 0.41 -31.60 11.34
C LEU B 222 0.76 -31.43 12.81
N LYS B 223 2.04 -31.55 13.15
CA LYS B 223 2.47 -31.28 14.53
C LYS B 223 2.23 -29.83 14.90
N GLU B 224 2.56 -28.90 13.98
CA GLU B 224 2.24 -27.50 14.19
C GLU B 224 0.77 -27.32 14.45
N ALA B 225 -0.09 -27.95 13.65
CA ALA B 225 -1.53 -27.84 13.83
C ALA B 225 -1.99 -28.40 15.16
N ALA B 226 -1.32 -29.45 15.66
CA ALA B 226 -1.62 -29.95 17.00
C ALA B 226 -1.36 -28.87 18.03
N VAL B 227 -0.20 -28.21 17.94
CA VAL B 227 0.10 -27.12 18.86
C VAL B 227 -0.93 -25.99 18.71
N MET B 228 -1.35 -25.73 17.47
CA MET B 228 -2.37 -24.70 17.24
C MET B 228 -3.68 -25.05 17.91
N LYS B 229 -4.09 -26.32 17.84
CA LYS B 229 -5.30 -26.76 18.52
C LYS B 229 -5.17 -26.50 20.01
N GLU B 230 -4.06 -26.93 20.61
CA GLU B 230 -3.86 -26.69 22.04
C GLU B 230 -3.39 -25.25 22.27
N LYS B 232 -5.47 -21.79 23.09
CA LYS B 232 -6.84 -21.32 23.13
C LYS B 232 -6.98 -20.10 24.04
N HIS B 233 -7.11 -18.92 23.43
CA HIS B 233 -7.25 -17.67 24.14
C HIS B 233 -8.39 -16.85 23.52
N PRO B 234 -9.09 -16.05 24.32
CA PRO B 234 -10.16 -15.21 23.75
C PRO B 234 -9.69 -14.26 22.67
N ASN B 235 -8.47 -13.72 22.79
CA ASN B 235 -7.96 -12.75 21.83
C ASN B 235 -7.00 -13.37 20.81
N LEU B 236 -7.12 -14.68 20.58
CA LEU B 236 -6.39 -15.37 19.52
C LEU B 236 -7.37 -16.21 18.74
N VAL B 237 -7.24 -16.20 17.41
CA VAL B 237 -8.10 -17.04 16.57
C VAL B 237 -7.71 -18.50 16.75
N GLN B 238 -8.70 -19.35 16.95
CA GLN B 238 -8.45 -20.77 17.16
C GLN B 238 -8.53 -21.52 15.83
N LEU B 239 -7.75 -22.59 15.74
CA LEU B 239 -7.71 -23.42 14.54
C LEU B 239 -8.81 -24.47 14.64
N LEU B 240 -9.93 -24.22 13.95
CA LEU B 240 -11.03 -25.18 13.95
C LEU B 240 -10.63 -26.47 13.26
N GLY B 241 -9.89 -26.37 12.16
CA GLY B 241 -9.46 -27.57 11.44
C GLY B 241 -8.50 -27.21 10.33
N VAL B 242 -7.89 -28.24 9.77
CA VAL B 242 -6.95 -28.09 8.68
C VAL B 242 -7.18 -29.16 7.62
N ILE B 251 -6.57 -24.74 6.17
CA ILE B 251 -6.51 -23.92 7.37
C ILE B 251 -7.86 -23.23 7.59
N ILE B 252 -8.53 -23.58 8.68
CA ILE B 252 -9.87 -23.09 8.99
C ILE B 252 -9.80 -22.33 10.31
N THR B 253 -10.04 -21.02 10.25
CA THR B 253 -10.08 -20.18 11.43
C THR B 253 -11.36 -19.36 11.42
N GLU B 254 -11.77 -18.89 12.60
CA GLU B 254 -13.05 -18.20 12.74
C GLU B 254 -13.07 -16.94 11.87
N PHE B 255 -14.26 -16.63 11.35
CA PHE B 255 -14.47 -15.37 10.65
C PHE B 255 -14.50 -14.21 11.65
N MET B 256 -13.87 -13.11 11.27
CA MET B 256 -14.04 -11.82 11.91
C MET B 256 -14.72 -10.88 10.91
N THR B 257 -15.89 -10.35 11.28
CA THR B 257 -16.74 -9.65 10.33
C THR B 257 -16.14 -8.34 9.81
N TYR B 258 -15.09 -7.83 10.45
CA TYR B 258 -14.46 -6.60 9.99
C TYR B 258 -13.11 -6.79 9.33
N GLY B 259 -12.34 -7.78 9.74
CA GLY B 259 -11.14 -8.16 9.01
C GLY B 259 -9.92 -7.40 9.50
N ASN B 260 -9.20 -6.77 8.56
CA ASN B 260 -7.87 -6.24 8.84
C ASN B 260 -7.92 -5.20 9.94
N LEU B 261 -6.97 -5.31 10.88
CA LEU B 261 -6.84 -4.34 11.95
C LEU B 261 -6.28 -3.02 11.42
N LEU B 262 -5.23 -3.10 10.59
CA LEU B 262 -4.61 -1.89 10.04
C LEU B 262 -5.60 -1.14 9.16
N ASP B 263 -6.29 -1.86 8.27
CA ASP B 263 -7.28 -1.23 7.40
C ASP B 263 -8.40 -0.63 8.22
N TYR B 264 -8.78 -1.30 9.32
CA TYR B 264 -9.76 -0.72 10.22
C TYR B 264 -9.28 0.61 10.77
N LEU B 265 -8.07 0.64 11.31
CA LEU B 265 -7.53 1.87 11.89
C LEU B 265 -7.40 2.98 10.84
N ARG B 266 -7.14 2.62 9.59
CA ARG B 266 -7.05 3.62 8.52
C ARG B 266 -8.41 4.03 7.98
N GLU B 267 -9.47 3.29 8.28
CA GLU B 267 -10.79 3.55 7.72
C GLU B 267 -11.88 3.75 8.76
N CYS B 268 -11.59 3.55 10.05
CA CYS B 268 -12.62 3.57 11.07
C CYS B 268 -13.23 4.96 11.23
N ASN B 269 -14.50 4.98 11.63
CA ASN B 269 -15.14 6.23 12.07
C ASN B 269 -14.53 6.63 13.41
N ARG B 270 -13.75 7.71 13.41
CA ARG B 270 -13.00 8.09 14.59
C ARG B 270 -13.88 8.62 15.71
N GLN B 271 -15.17 8.80 15.47
CA GLN B 271 -16.08 9.17 16.55
C GLN B 271 -16.42 7.95 17.42
N GLU B 272 -16.92 6.88 16.79
CA GLU B 272 -17.20 5.67 17.54
C GLU B 272 -15.92 4.96 17.96
N VAL B 273 -14.85 5.11 17.19
CA VAL B 273 -13.55 4.51 17.48
C VAL B 273 -12.68 5.62 18.06
N ASN B 274 -12.62 5.68 19.39
CA ASN B 274 -11.95 6.76 20.10
C ASN B 274 -10.78 6.21 20.91
N ALA B 275 -10.15 7.08 21.69
CA ALA B 275 -8.93 6.72 22.41
C ALA B 275 -9.17 5.56 23.38
N VAL B 276 -10.31 5.57 24.08
CA VAL B 276 -10.64 4.46 24.97
C VAL B 276 -10.74 3.16 24.19
N VAL B 277 -11.30 3.24 22.98
CA VAL B 277 -11.38 2.06 22.11
C VAL B 277 -10.00 1.55 21.75
N LEU B 278 -9.09 2.47 21.38
CA LEU B 278 -7.74 2.07 21.02
C LEU B 278 -7.03 1.42 22.20
N LEU B 279 -7.22 1.98 23.40
CA LEU B 279 -6.66 1.36 24.60
C LEU B 279 -7.24 -0.04 24.82
N TYR B 280 -8.55 -0.21 24.58
CA TYR B 280 -9.19 -1.51 24.73
C TYR B 280 -8.55 -2.54 23.80
N MET B 281 -8.40 -2.19 22.52
CA MET B 281 -7.82 -3.16 21.58
C MET B 281 -6.35 -3.42 21.86
N ALA B 282 -5.61 -2.39 22.29
CA ALA B 282 -4.21 -2.60 22.66
C ALA B 282 -4.08 -3.55 23.85
N THR B 283 -4.95 -3.38 24.84
CA THR B 283 -4.93 -4.29 26.00
C THR B 283 -5.30 -5.71 25.58
N GLN B 284 -6.25 -5.85 24.66
CA GLN B 284 -6.59 -7.18 24.16
C GLN B 284 -5.39 -7.84 23.50
N ILE B 285 -4.66 -7.09 22.66
CA ILE B 285 -3.49 -7.64 21.99
C ILE B 285 -2.43 -8.01 23.01
N SER B 286 -2.23 -7.18 24.02
CA SER B 286 -1.24 -7.47 25.06
C SER B 286 -1.62 -8.72 25.84
N SER B 287 -2.92 -8.92 26.11
CA SER B 287 -3.36 -10.13 26.81
C SER B 287 -3.10 -11.37 25.95
N ALA B 288 -3.38 -11.29 24.65
CA ALA B 288 -3.10 -12.42 23.76
C ALA B 288 -1.61 -12.73 23.76
N MET B 289 -0.77 -11.70 23.73
CA MET B 289 0.68 -11.92 23.74
C MET B 289 1.15 -12.50 25.06
N GLU B 290 0.52 -12.10 26.17
CA GLU B 290 0.86 -12.69 27.47
C GLU B 290 0.51 -14.17 27.48
N TYR B 291 -0.65 -14.53 26.89
CA TYR B 291 -1.00 -15.95 26.80
C TYR B 291 0.02 -16.72 25.98
N LEU B 292 0.40 -16.17 24.81
CA LEU B 292 1.36 -16.88 23.97
C LEU B 292 2.74 -16.97 24.62
N GLU B 293 3.12 -15.96 25.41
CA GLU B 293 4.38 -16.01 26.14
C GLU B 293 4.32 -17.04 27.25
N LYS B 294 3.16 -17.18 27.89
CA LYS B 294 3.00 -18.16 28.96
C LYS B 294 3.24 -19.58 28.45
N LYS B 295 2.70 -19.89 27.27
CA LYS B 295 2.93 -21.18 26.64
C LYS B 295 4.26 -21.26 25.91
N ASN B 296 5.02 -20.16 25.88
CA ASN B 296 6.34 -20.11 25.23
C ASN B 296 6.23 -20.44 23.75
N PHE B 297 5.37 -19.70 23.05
CA PHE B 297 5.16 -19.88 21.62
C PHE B 297 5.59 -18.62 20.89
N ILE B 298 6.35 -18.80 19.81
CA ILE B 298 6.88 -17.68 19.03
C ILE B 298 5.87 -17.31 17.95
N HIS B 299 5.55 -16.02 17.87
CA HIS B 299 4.61 -15.55 16.85
C HIS B 299 5.30 -15.31 15.52
N ARG B 300 6.42 -14.57 15.53
CA ARG B 300 7.30 -14.36 14.39
C ARG B 300 6.68 -13.52 13.28
N ASP B 301 5.37 -13.26 13.35
CA ASP B 301 4.69 -12.51 12.31
C ASP B 301 3.70 -11.52 12.90
N LEU B 302 4.03 -10.95 14.05
CA LEU B 302 3.15 -9.98 14.70
C LEU B 302 3.06 -8.72 13.84
N ALA B 303 1.89 -8.47 13.27
CA ALA B 303 1.67 -7.27 12.49
C ALA B 303 0.23 -6.82 12.65
N ALA B 304 -0.01 -5.53 12.42
CA ALA B 304 -1.38 -5.01 12.47
C ALA B 304 -2.24 -5.64 11.40
N ARG B 305 -1.70 -5.81 10.19
CA ARG B 305 -2.43 -6.47 9.12
C ARG B 305 -2.74 -7.93 9.46
N ASN B 306 -1.96 -8.54 10.34
CA ASN B 306 -2.17 -9.93 10.75
C ASN B 306 -3.09 -10.05 11.96
N CYS B 307 -3.56 -8.94 12.52
CA CYS B 307 -4.62 -8.94 13.52
C CYS B 307 -5.97 -8.74 12.83
N LEU B 308 -7.03 -9.21 13.48
CA LEU B 308 -8.36 -9.14 12.92
C LEU B 308 -9.34 -8.60 13.95
N VAL B 309 -10.38 -7.92 13.46
CA VAL B 309 -11.30 -7.17 14.30
C VAL B 309 -12.69 -7.78 14.18
N GLY B 310 -13.35 -8.01 15.31
CA GLY B 310 -14.70 -8.47 15.36
C GLY B 310 -15.66 -7.40 15.83
N GLU B 311 -16.86 -7.84 16.22
CA GLU B 311 -17.88 -6.90 16.68
C GLU B 311 -17.55 -6.40 18.08
N ASN B 312 -18.03 -5.20 18.37
CA ASN B 312 -17.73 -4.48 19.61
C ASN B 312 -16.23 -4.43 19.87
N HIS B 313 -15.46 -4.31 18.79
CA HIS B 313 -14.01 -4.15 18.84
C HIS B 313 -13.33 -5.32 19.53
N LEU B 314 -13.89 -6.52 19.38
CA LEU B 314 -13.22 -7.72 19.85
C LEU B 314 -12.18 -8.11 18.81
N VAL B 315 -10.91 -7.99 19.17
CA VAL B 315 -9.80 -8.20 18.27
C VAL B 315 -9.10 -9.49 18.64
N LYS B 316 -8.77 -10.30 17.63
CA LYS B 316 -7.97 -11.49 17.82
C LYS B 316 -6.80 -11.53 16.85
N VAL B 317 -5.70 -12.10 17.32
CA VAL B 317 -4.45 -12.16 16.57
C VAL B 317 -4.41 -13.42 15.72
N ALA B 318 -4.00 -13.27 14.47
CA ALA B 318 -3.86 -14.37 13.52
C ALA B 318 -2.42 -14.40 13.02
N ASP B 319 -2.16 -15.34 12.10
CA ASP B 319 -0.84 -15.52 11.50
C ASP B 319 0.23 -15.80 12.55
N PHE B 320 -0.13 -16.60 13.56
CA PHE B 320 0.81 -16.99 14.60
C PHE B 320 1.26 -18.42 14.36
N GLY B 321 2.57 -18.64 14.40
CA GLY B 321 3.15 -19.94 14.11
C GLY B 321 3.28 -20.20 12.62
N PRO B 340 7.45 -6.82 5.60
CA PRO B 340 7.72 -7.75 6.70
C PRO B 340 9.09 -7.51 7.33
N ILE B 341 9.71 -6.39 6.96
CA ILE B 341 11.06 -6.07 7.40
C ILE B 341 11.06 -5.09 8.56
N LYS B 342 10.20 -4.07 8.50
CA LYS B 342 10.21 -2.96 9.45
C LYS B 342 9.55 -3.29 10.78
N TRP B 343 8.92 -4.46 10.90
CA TRP B 343 8.40 -4.92 12.18
C TRP B 343 9.33 -5.90 12.89
N THR B 344 10.33 -6.43 12.18
CA THR B 344 11.24 -7.41 12.75
C THR B 344 12.22 -6.75 13.70
N ALA B 345 12.55 -7.46 14.78
CA ALA B 345 13.55 -6.97 15.73
C ALA B 345 14.92 -6.94 15.06
N PRO B 346 15.79 -6.03 15.51
CA PRO B 346 17.13 -5.96 14.87
C PRO B 346 17.90 -7.26 14.91
N GLU B 347 17.89 -7.98 16.04
CA GLU B 347 18.64 -9.22 16.10
C GLU B 347 17.95 -10.34 15.32
N SER B 348 16.61 -10.35 15.32
CA SER B 348 15.87 -11.40 14.62
C SER B 348 16.11 -11.34 13.13
N LEU B 349 16.39 -10.15 12.58
CA LEU B 349 16.71 -10.01 11.17
C LEU B 349 18.20 -10.12 10.90
N ALA B 350 19.03 -9.54 11.76
CA ALA B 350 20.47 -9.54 11.54
C ALA B 350 21.05 -10.95 11.64
N TYR B 351 20.65 -11.71 12.66
CA TYR B 351 21.24 -13.02 12.91
C TYR B 351 20.23 -14.15 12.87
N ASN B 352 19.03 -13.91 12.33
CA ASN B 352 17.98 -14.92 12.18
C ASN B 352 17.65 -15.56 13.55
N LYS B 353 17.25 -14.70 14.48
CA LYS B 353 16.86 -15.12 15.82
C LYS B 353 15.35 -15.23 15.92
N PHE B 354 14.91 -16.07 16.86
CA PHE B 354 13.49 -16.24 17.16
C PHE B 354 13.30 -16.12 18.66
N SER B 355 12.61 -15.06 19.10
CA SER B 355 12.46 -14.80 20.51
C SER B 355 11.13 -14.12 20.77
N ILE B 356 10.64 -14.24 22.00
CA ILE B 356 9.46 -13.52 22.43
C ILE B 356 9.71 -12.02 22.42
N LYS B 357 10.96 -11.62 22.67
CA LYS B 357 11.28 -10.19 22.72
C LYS B 357 11.26 -9.56 21.33
N SER B 358 11.50 -10.35 20.28
CA SER B 358 11.24 -9.86 18.93
C SER B 358 9.76 -9.56 18.74
N ASP B 359 8.90 -10.42 19.30
CA ASP B 359 7.47 -10.12 19.30
C ASP B 359 7.17 -8.88 20.13
N VAL B 360 7.95 -8.63 21.19
CA VAL B 360 7.77 -7.41 21.96
C VAL B 360 8.11 -6.18 21.12
N TRP B 361 9.20 -6.25 20.36
CA TRP B 361 9.53 -5.16 19.43
C TRP B 361 8.40 -4.95 18.43
N ALA B 362 7.90 -6.04 17.84
CA ALA B 362 6.81 -5.94 16.89
C ALA B 362 5.58 -5.33 17.53
N PHE B 363 5.34 -5.65 18.81
CA PHE B 363 4.21 -5.07 19.53
C PHE B 363 4.41 -3.58 19.76
N GLY B 364 5.65 -3.15 19.99
CA GLY B 364 5.92 -1.72 20.07
C GLY B 364 5.61 -1.00 18.78
N VAL B 365 6.02 -1.60 17.65
CA VAL B 365 5.70 -0.99 16.36
C VAL B 365 4.19 -0.98 16.13
N LEU B 366 3.50 -2.04 16.54
CA LEU B 366 2.05 -2.08 16.42
C LEU B 366 1.38 -1.05 17.32
N LEU B 367 1.96 -0.79 18.48
CA LEU B 367 1.46 0.27 19.34
C LEU B 367 1.58 1.62 18.65
N TRP B 368 2.72 1.86 17.99
CA TRP B 368 2.87 3.08 17.21
C TRP B 368 1.81 3.16 16.11
N GLU B 369 1.58 2.04 15.42
CA GLU B 369 0.56 2.01 14.36
C GLU B 369 -0.83 2.34 14.90
N ILE B 370 -1.17 1.76 16.05
CA ILE B 370 -2.48 2.02 16.66
C ILE B 370 -2.60 3.48 17.07
N ALA B 371 -1.55 4.03 17.70
CA ALA B 371 -1.59 5.41 18.16
C ALA B 371 -1.70 6.39 16.99
N THR B 372 -1.10 6.05 15.85
CA THR B 372 -1.12 6.91 14.68
C THR B 372 -2.25 6.58 13.70
N TYR B 373 -3.15 5.68 14.08
CA TYR B 373 -4.31 5.29 13.27
C TYR B 373 -3.92 4.63 11.95
N GLY B 374 -2.70 4.09 11.86
CA GLY B 374 -2.41 3.21 10.75
C GLY B 374 -1.33 3.66 9.78
N MET B 375 -0.47 4.59 10.19
CA MET B 375 0.59 5.10 9.32
C MET B 375 1.68 4.07 9.10
N SER B 376 2.29 4.11 7.91
CA SER B 376 3.33 3.17 7.54
C SER B 376 4.56 3.34 8.45
N PRO B 377 5.16 2.24 8.89
CA PRO B 377 6.32 2.29 9.80
C PRO B 377 7.43 3.16 9.22
N TYR B 378 8.13 3.99 10.03
CA TYR B 378 9.37 4.71 9.70
C TYR B 378 9.14 5.68 8.54
N PRO B 379 8.37 6.76 8.77
CA PRO B 379 7.94 7.76 7.79
C PRO B 379 9.13 8.45 7.13
N ILE B 381 12.00 5.96 7.18
CA ILE B 381 12.58 7.02 6.37
C ILE B 381 13.11 6.42 5.07
N ASP B 382 13.89 5.34 5.21
CA ASP B 382 14.41 4.62 4.05
C ASP B 382 14.83 3.23 4.50
N LEU B 383 14.42 2.22 3.73
CA LEU B 383 14.73 0.83 4.10
C LEU B 383 16.23 0.58 4.17
N SER B 384 17.02 1.35 3.41
CA SER B 384 18.47 1.17 3.44
C SER B 384 19.04 1.66 4.77
N GLN B 385 18.63 2.83 5.21
CA GLN B 385 19.27 3.46 6.36
C GLN B 385 18.68 3.04 7.70
N VAL B 386 17.52 2.38 7.71
CA VAL B 386 16.77 2.15 8.94
C VAL B 386 17.58 1.31 9.93
N TYR B 387 18.28 0.29 9.44
CA TYR B 387 19.10 -0.53 10.33
C TYR B 387 20.14 0.34 11.02
N GLU B 388 20.70 1.28 10.29
CA GLU B 388 21.79 2.06 10.92
C GLU B 388 21.16 3.09 11.87
N LEU B 389 19.94 3.51 11.57
CA LEU B 389 19.28 4.56 12.38
C LEU B 389 18.93 3.96 13.72
N LEU B 390 18.72 2.65 13.73
CA LEU B 390 18.41 1.95 15.00
C LEU B 390 19.73 1.60 15.67
N GLU B 391 20.61 0.90 14.95
CA GLU B 391 21.83 0.44 15.58
C GLU B 391 22.56 1.59 16.27
N LYS B 392 22.53 2.77 15.65
CA LYS B 392 22.98 3.97 16.35
C LYS B 392 22.07 4.21 17.55
N ASP B 393 20.80 4.54 17.28
CA ASP B 393 19.77 4.66 18.30
C ASP B 393 18.42 5.01 17.68
N MET B 396 10.90 5.57 16.20
CA MET B 396 10.27 6.78 15.68
C MET B 396 9.96 7.74 16.82
N GLU B 397 9.62 8.98 16.48
CA GLU B 397 9.25 9.95 17.49
C GLU B 397 7.80 9.72 17.94
N ARG B 398 7.43 10.42 19.01
CA ARG B 398 6.12 10.23 19.61
C ARG B 398 5.03 10.84 18.71
N PRO B 399 3.90 10.16 18.54
CA PRO B 399 2.79 10.74 17.79
C PRO B 399 2.26 12.01 18.47
N GLU B 400 1.46 12.76 17.71
CA GLU B 400 1.02 14.07 18.16
C GLU B 400 0.13 13.96 19.40
N GLY B 401 -0.83 13.05 19.38
CA GLY B 401 -1.74 12.86 20.49
C GLY B 401 -1.38 11.75 21.44
N CYS B 402 -0.23 11.12 21.27
CA CYS B 402 0.14 10.00 22.12
C CYS B 402 0.52 10.48 23.51
N PRO B 403 -0.09 9.92 24.57
CA PRO B 403 0.35 10.26 25.93
C PRO B 403 1.77 9.78 26.19
N GLU B 404 2.38 10.39 27.22
CA GLU B 404 3.80 10.19 27.48
C GLU B 404 4.09 8.77 27.95
N LYS B 405 3.27 8.23 28.85
CA LYS B 405 3.58 6.94 29.45
C LYS B 405 3.54 5.81 28.42
N VAL B 406 2.56 5.85 27.52
CA VAL B 406 2.44 4.77 26.55
C VAL B 406 3.57 4.82 25.53
N TYR B 407 3.99 6.04 25.13
CA TYR B 407 5.17 6.14 24.28
C TYR B 407 6.43 5.69 24.99
N GLU B 408 6.53 5.94 26.30
CA GLU B 408 7.65 5.43 27.08
C GLU B 408 7.67 3.91 27.08
N LEU B 409 6.50 3.29 27.24
CA LEU B 409 6.41 1.84 27.14
C LEU B 409 6.78 1.35 25.74
N MET B 410 6.36 2.09 24.72
CA MET B 410 6.68 1.74 23.34
C MET B 410 8.19 1.76 23.10
N ARG B 411 8.86 2.78 23.64
CA ARG B 411 10.32 2.84 23.53
C ARG B 411 10.99 1.77 24.40
N ALA B 412 10.34 1.38 25.51
CA ALA B 412 10.83 0.25 26.29
C ALA B 412 10.78 -1.04 25.47
N CYS B 413 9.74 -1.22 24.68
CA CYS B 413 9.65 -2.35 23.76
C CYS B 413 10.66 -2.20 22.63
N TRP B 414 11.40 -1.08 22.63
CA TRP B 414 12.33 -0.74 21.56
C TRP B 414 13.77 -0.67 22.08
N GLN B 415 14.18 -1.69 22.82
CA GLN B 415 15.57 -1.79 23.31
C GLN B 415 16.32 -2.81 22.46
N TRP B 416 17.61 -2.60 22.22
CA TRP B 416 18.44 -3.48 21.35
C TRP B 416 18.61 -4.83 22.02
N ASN B 417 18.94 -4.81 23.30
CA ASN B 417 19.26 -6.08 24.00
C ASN B 417 17.95 -6.79 24.29
N PRO B 418 17.65 -7.86 23.57
CA PRO B 418 16.37 -8.52 23.77
C PRO B 418 15.99 -8.58 25.25
N SER B 419 16.79 -9.25 26.06
CA SER B 419 16.49 -9.50 27.47
C SER B 419 16.11 -8.23 28.22
N ASP B 420 16.48 -7.06 27.71
CA ASP B 420 16.14 -5.81 28.36
C ASP B 420 14.75 -5.30 28.03
N ARG B 421 14.10 -5.87 27.02
CA ARG B 421 12.73 -5.46 26.70
C ARG B 421 11.76 -6.04 27.73
N PRO B 422 10.70 -5.33 28.07
CA PRO B 422 9.73 -5.86 29.04
C PRO B 422 8.98 -7.06 28.50
N SER B 423 8.60 -7.94 29.40
CA SER B 423 7.79 -9.09 29.03
C SER B 423 6.36 -8.65 28.73
N PHE B 424 5.63 -9.50 28.00
CA PHE B 424 4.26 -9.18 27.64
C PHE B 424 3.36 -9.08 28.88
N ALA B 425 3.63 -9.88 29.90
CA ALA B 425 2.91 -9.74 31.16
C ALA B 425 3.17 -8.38 31.78
N GLU B 426 4.42 -7.91 31.73
CA GLU B 426 4.74 -6.57 32.19
C GLU B 426 3.99 -5.52 31.38
N ILE B 427 3.91 -5.71 30.06
CA ILE B 427 3.21 -4.77 29.20
C ILE B 427 1.72 -4.70 29.57
N HIS B 428 1.10 -5.87 29.79
CA HIS B 428 -0.31 -5.88 30.17
C HIS B 428 -0.52 -5.24 31.54
N GLN B 429 0.36 -5.53 32.49
CA GLN B 429 0.23 -4.95 33.82
C GLN B 429 0.36 -3.43 33.77
N ALA B 430 1.31 -2.93 32.99
CA ALA B 430 1.44 -1.49 32.82
C ALA B 430 0.22 -0.90 32.11
N PHE B 431 -0.30 -1.59 31.09
CA PHE B 431 -1.45 -1.09 30.35
C PHE B 431 -2.66 -0.94 31.27
N GLU B 432 -2.92 -1.96 32.09
CA GLU B 432 -4.06 -1.89 32.99
C GLU B 432 -3.84 -0.84 34.08
N THR B 433 -2.64 -0.79 34.63
CA THR B 433 -2.33 0.12 35.74
C THR B 433 -1.47 1.28 35.27
N MET B 434 -1.98 2.07 34.33
CA MET B 434 -1.26 3.31 34.06
C MET B 434 -2.12 4.57 34.01
N PHE B 435 -3.35 4.50 33.50
CA PHE B 435 -4.20 5.68 33.49
C PHE B 435 -5.10 5.77 34.72
N GLN B 436 -4.75 5.06 35.79
CA GLN B 436 -5.43 5.24 37.07
C GLN B 436 -5.26 6.67 37.54
N GLU B 437 -6.34 7.23 38.11
CA GLU B 437 -6.38 8.64 38.49
C GLU B 437 -6.11 9.55 37.29
N SER B 438 -6.58 9.11 36.12
CA SER B 438 -6.41 9.86 34.88
C SER B 438 -7.39 9.31 33.85
N SER B 439 -7.33 9.85 32.64
CA SER B 439 -8.15 9.35 31.54
C SER B 439 -7.40 9.55 30.24
N ILE B 440 -7.29 8.49 29.44
CA ILE B 440 -6.58 8.57 28.17
C ILE B 440 -7.24 9.59 27.26
N SER B 441 -8.58 9.68 27.30
CA SER B 441 -9.27 10.70 26.53
C SER B 441 -8.88 12.10 26.99
N ASP B 442 -8.77 12.30 28.30
CA ASP B 442 -8.25 13.56 28.81
C ASP B 442 -6.76 13.70 28.51
N GLU B 443 -6.05 12.59 28.38
CA GLU B 443 -4.62 12.63 28.11
C GLU B 443 -4.28 12.94 26.66
N VAL B 444 -5.24 12.80 25.75
CA VAL B 444 -5.00 13.18 24.35
C VAL B 444 -4.66 14.67 24.27
#